data_1U9Y
#
_entry.id   1U9Y
#
_cell.length_a   71.011
_cell.length_b   138.280
_cell.length_c   138.360
_cell.angle_alpha   90.00
_cell.angle_beta   90.00
_cell.angle_gamma   90.00
#
_symmetry.space_group_name_H-M   'P 21 21 21'
#
loop_
_entity.id
_entity.type
_entity.pdbx_description
1 polymer 'Ribose-phosphate pyrophosphokinase'
2 water water
#
_entity_poly.entity_id   1
_entity_poly.type   'polypeptide(L)'
_entity_poly.pdbx_seq_one_letter_code
;MIVVSGSQSQNLAFKVAKLLNTKLTRVEYKRFPDNEIYVRIVDEINDDEAVIINTQKNQNDAIVETILLCDALRDEGVKK
ITLVAPYLAYARQDKKFNPGEAISIRALAKIYSNIVDKLITINPHETHIKDFFTIPFIYGDAVPKLAEYVKDKLNDPIVL
APDKGALEFAKTASKILNAEYDYLEKTRLSPTEIQIAPKTLDAKDRDVFIVDDIISTGGTMATAVKLLKEQGAKKIIAAC
VHPVLIGDALNKLYSAGVEEVVGTDTYLSEVSKVSVAEVIVDLL
;
_entity_poly.pdbx_strand_id   A,B,C,D
#
# COMPACT_ATOMS: atom_id res chain seq x y z
N MET A 1 -14.17 -27.58 -19.03
CA MET A 1 -14.03 -26.56 -17.95
C MET A 1 -12.84 -25.66 -18.23
N ILE A 2 -13.10 -24.37 -18.44
CA ILE A 2 -12.03 -23.40 -18.68
C ILE A 2 -11.47 -22.97 -17.32
N VAL A 3 -10.18 -22.69 -17.28
CA VAL A 3 -9.53 -22.23 -16.06
C VAL A 3 -9.39 -20.71 -16.15
N VAL A 4 -9.93 -19.99 -15.17
CA VAL A 4 -9.85 -18.53 -15.14
C VAL A 4 -8.86 -18.06 -14.08
N SER A 5 -7.79 -17.42 -14.53
CA SER A 5 -6.75 -16.94 -13.63
C SER A 5 -7.12 -15.70 -12.85
N GLY A 6 -6.89 -15.74 -11.55
CA GLY A 6 -7.13 -14.58 -10.72
C GLY A 6 -5.78 -13.91 -10.75
N SER A 7 -5.71 -12.62 -10.45
CA SER A 7 -4.42 -11.93 -10.48
C SER A 7 -3.42 -12.44 -9.45
N GLN A 8 -3.90 -13.11 -8.41
CA GLN A 8 -3.02 -13.58 -7.35
C GLN A 8 -2.55 -15.03 -7.42
N SER A 9 -3.06 -15.79 -8.39
CA SER A 9 -2.68 -17.19 -8.57
C SER A 9 -2.41 -17.51 -10.02
N GLN A 10 -1.70 -16.62 -10.71
CA GLN A 10 -1.42 -16.82 -12.12
C GLN A 10 -0.58 -18.05 -12.44
N ASN A 11 0.38 -18.36 -11.59
CA ASN A 11 1.21 -19.54 -11.83
C ASN A 11 0.47 -20.80 -11.46
N LEU A 12 -0.23 -20.77 -10.32
CA LEU A 12 -0.97 -21.94 -9.87
C LEU A 12 -2.09 -22.32 -10.87
N ALA A 13 -2.80 -21.32 -11.39
CA ALA A 13 -3.86 -21.56 -12.35
C ALA A 13 -3.31 -22.22 -13.61
N PHE A 14 -2.12 -21.77 -14.01
CA PHE A 14 -1.41 -22.29 -15.19
C PHE A 14 -1.06 -23.75 -14.98
N LYS A 15 -0.47 -24.06 -13.81
CA LYS A 15 -0.08 -25.41 -13.47
C LYS A 15 -1.29 -26.34 -13.44
N VAL A 16 -2.41 -25.83 -12.93
CA VAL A 16 -3.63 -26.61 -12.83
C VAL A 16 -4.21 -26.89 -14.21
N ALA A 17 -4.27 -25.85 -15.03
CA ALA A 17 -4.80 -25.98 -16.38
C ALA A 17 -3.98 -27.00 -17.16
N LYS A 18 -2.66 -26.97 -16.97
CA LYS A 18 -1.73 -27.86 -17.64
C LYS A 18 -2.04 -29.30 -17.24
N LEU A 19 -2.30 -29.52 -15.94
CA LEU A 19 -2.63 -30.84 -15.44
C LEU A 19 -3.98 -31.28 -16.01
N LEU A 20 -4.93 -30.36 -16.10
CA LEU A 20 -6.25 -30.66 -16.64
C LEU A 20 -6.17 -30.69 -18.15
N ASN A 21 -4.98 -30.45 -18.69
CA ASN A 21 -4.78 -30.42 -20.14
C ASN A 21 -5.82 -29.52 -20.82
N THR A 22 -6.04 -28.34 -20.23
CA THR A 22 -6.98 -27.34 -20.74
C THR A 22 -6.26 -26.08 -21.16
N LYS A 23 -6.80 -25.42 -22.18
CA LYS A 23 -6.24 -24.18 -22.69
C LYS A 23 -6.49 -23.12 -21.61
N LEU A 24 -5.44 -22.41 -21.21
CA LEU A 24 -5.55 -21.39 -20.16
C LEU A 24 -6.16 -20.11 -20.73
N THR A 25 -7.34 -19.76 -20.24
CA THR A 25 -8.03 -18.55 -20.68
C THR A 25 -7.24 -17.27 -20.37
N ARG A 26 -7.14 -16.38 -21.35
CA ARG A 26 -6.44 -15.11 -21.15
C ARG A 26 -7.35 -14.14 -20.39
N VAL A 27 -6.91 -13.73 -19.22
CA VAL A 27 -7.71 -12.82 -18.42
C VAL A 27 -6.96 -11.53 -18.20
N GLU A 28 -7.55 -10.45 -18.66
CA GLU A 28 -6.93 -9.14 -18.53
C GLU A 28 -7.14 -8.59 -17.12
N TYR A 29 -6.07 -8.13 -16.51
CA TYR A 29 -6.14 -7.55 -15.16
C TYR A 29 -5.26 -6.30 -15.06
N LYS A 30 -5.84 -5.22 -14.56
CA LYS A 30 -5.11 -3.97 -14.40
C LYS A 30 -5.80 -3.07 -13.39
N ARG A 31 -5.20 -1.92 -13.12
CA ARG A 31 -5.76 -0.96 -12.18
C ARG A 31 -5.98 0.38 -12.86
N PHE A 32 -7.10 1.02 -12.59
CA PHE A 32 -7.36 2.32 -13.17
C PHE A 32 -6.49 3.28 -12.38
N PRO A 33 -6.39 4.54 -12.82
CA PRO A 33 -5.56 5.48 -12.06
C PRO A 33 -6.09 5.51 -10.61
N ASP A 34 -7.41 5.29 -10.46
CA ASP A 34 -8.12 5.22 -9.18
C ASP A 34 -7.46 4.21 -8.26
N ASN A 35 -7.09 3.10 -8.89
CA ASN A 35 -6.51 1.93 -8.28
C ASN A 35 -7.65 0.92 -8.17
N GLU A 36 -8.74 1.20 -8.86
CA GLU A 36 -9.87 0.28 -8.89
C GLU A 36 -9.47 -0.87 -9.80
N ILE A 37 -9.99 -2.05 -9.50
CA ILE A 37 -9.68 -3.23 -10.28
C ILE A 37 -10.43 -3.29 -11.61
N TYR A 38 -9.73 -3.73 -12.64
CA TYR A 38 -10.33 -3.90 -13.96
C TYR A 38 -10.02 -5.32 -14.40
N VAL A 39 -11.06 -6.10 -14.66
CA VAL A 39 -10.87 -7.46 -15.14
C VAL A 39 -11.56 -7.63 -16.47
N ARG A 40 -11.09 -8.61 -17.24
CA ARG A 40 -11.66 -8.88 -18.55
C ARG A 40 -11.26 -10.23 -19.14
N ILE A 41 -12.28 -11.04 -19.40
CA ILE A 41 -12.09 -12.35 -20.01
C ILE A 41 -11.84 -12.05 -21.48
N VAL A 42 -10.59 -12.13 -21.90
CA VAL A 42 -10.23 -11.84 -23.28
C VAL A 42 -10.66 -12.93 -24.26
N ASP A 43 -10.23 -14.16 -24.03
CA ASP A 43 -10.61 -15.27 -24.91
C ASP A 43 -12.11 -15.44 -24.92
N GLU A 44 -12.62 -15.99 -26.01
CA GLU A 44 -14.05 -16.20 -26.12
C GLU A 44 -14.42 -17.45 -25.35
N ILE A 45 -15.52 -17.38 -24.62
CA ILE A 45 -15.98 -18.50 -23.81
C ILE A 45 -17.16 -19.24 -24.40
N ASN A 46 -16.91 -20.49 -24.78
CA ASN A 46 -17.93 -21.36 -25.34
C ASN A 46 -18.45 -22.22 -24.18
N ASP A 47 -17.53 -22.95 -23.55
CA ASP A 47 -17.83 -23.82 -22.41
C ASP A 47 -18.68 -23.02 -21.41
N ASP A 48 -19.50 -23.69 -20.59
CA ASP A 48 -20.31 -22.98 -19.61
C ASP A 48 -20.00 -23.36 -18.16
N GLU A 49 -18.76 -23.83 -17.96
CA GLU A 49 -18.28 -24.20 -16.63
C GLU A 49 -16.85 -23.69 -16.49
N ALA A 50 -16.65 -22.76 -15.55
CA ALA A 50 -15.35 -22.18 -15.34
C ALA A 50 -14.88 -22.42 -13.93
N VAL A 51 -13.56 -22.38 -13.75
CA VAL A 51 -12.95 -22.54 -12.44
C VAL A 51 -12.05 -21.34 -12.18
N ILE A 52 -12.42 -20.53 -11.21
CA ILE A 52 -11.61 -19.36 -10.85
C ILE A 52 -10.60 -19.80 -9.80
N ILE A 53 -9.33 -19.53 -10.06
CA ILE A 53 -8.28 -19.87 -9.12
C ILE A 53 -7.62 -18.57 -8.71
N ASN A 54 -7.98 -18.08 -7.53
CA ASN A 54 -7.46 -16.82 -7.03
C ASN A 54 -7.33 -16.86 -5.50
N THR A 55 -6.09 -16.99 -5.04
CA THR A 55 -5.84 -17.04 -3.61
C THR A 55 -5.98 -15.64 -3.03
N GLN A 56 -6.09 -15.54 -1.70
CA GLN A 56 -6.32 -14.26 -1.06
C GLN A 56 -5.26 -13.68 -0.14
N LYS A 57 -4.01 -13.61 -0.60
CA LYS A 57 -2.94 -13.03 0.21
C LYS A 57 -3.32 -11.56 0.47
N ASN A 58 -3.72 -10.86 -0.60
CA ASN A 58 -4.18 -9.50 -0.44
C ASN A 58 -5.68 -9.72 -0.38
N GLN A 59 -6.15 -9.92 0.84
CA GLN A 59 -7.55 -10.24 1.15
C GLN A 59 -8.68 -9.48 0.46
N ASN A 60 -8.83 -8.20 0.75
CA ASN A 60 -9.91 -7.43 0.17
C ASN A 60 -9.85 -7.30 -1.34
N ASP A 61 -8.64 -7.34 -1.91
CA ASP A 61 -8.50 -7.24 -3.36
C ASP A 61 -9.02 -8.51 -4.00
N ALA A 62 -8.70 -9.64 -3.39
CA ALA A 62 -9.12 -10.95 -3.91
C ALA A 62 -10.64 -11.09 -3.88
N ILE A 63 -11.25 -10.59 -2.83
CA ILE A 63 -12.69 -10.66 -2.67
C ILE A 63 -13.38 -9.84 -3.76
N VAL A 64 -12.96 -8.59 -3.94
CA VAL A 64 -13.57 -7.77 -4.96
C VAL A 64 -13.28 -8.26 -6.37
N GLU A 65 -12.04 -8.67 -6.62
CA GLU A 65 -11.69 -9.18 -7.94
C GLU A 65 -12.51 -10.41 -8.29
N THR A 66 -12.77 -11.25 -7.30
CA THR A 66 -13.56 -12.47 -7.51
C THR A 66 -15.01 -12.11 -7.84
N ILE A 67 -15.56 -11.15 -7.10
CA ILE A 67 -16.93 -10.69 -7.31
C ILE A 67 -17.09 -10.16 -8.74
N LEU A 68 -16.13 -9.36 -9.19
CA LEU A 68 -16.15 -8.80 -10.54
C LEU A 68 -16.01 -9.89 -11.60
N LEU A 69 -15.12 -10.86 -11.39
CA LEU A 69 -14.93 -11.95 -12.34
C LEU A 69 -16.18 -12.81 -12.51
N CYS A 70 -16.90 -13.05 -11.42
CA CYS A 70 -18.10 -13.85 -11.47
C CYS A 70 -19.16 -13.15 -12.31
N ASP A 71 -19.28 -11.85 -12.11
CA ASP A 71 -20.23 -11.07 -12.88
C ASP A 71 -19.88 -11.16 -14.37
N ALA A 72 -18.59 -11.03 -14.67
CA ALA A 72 -18.12 -11.09 -16.05
C ALA A 72 -18.38 -12.46 -16.69
N LEU A 73 -18.22 -13.52 -15.92
CA LEU A 73 -18.44 -14.86 -16.43
C LEU A 73 -19.93 -15.14 -16.68
N ARG A 74 -20.77 -14.80 -15.70
CA ARG A 74 -22.22 -15.01 -15.85
C ARG A 74 -22.74 -14.28 -17.07
N ASP A 75 -22.32 -13.02 -17.20
CA ASP A 75 -22.73 -12.16 -18.31
C ASP A 75 -22.18 -12.67 -19.63
N GLU A 76 -21.58 -13.85 -19.61
CA GLU A 76 -21.03 -14.40 -20.82
C GLU A 76 -21.47 -15.84 -21.04
N GLY A 77 -22.51 -16.25 -20.32
CA GLY A 77 -23.05 -17.59 -20.48
C GLY A 77 -22.69 -18.66 -19.48
N VAL A 78 -21.59 -18.50 -18.74
CA VAL A 78 -21.18 -19.54 -17.79
C VAL A 78 -22.27 -19.92 -16.78
N LYS A 79 -22.66 -21.19 -16.78
CA LYS A 79 -23.70 -21.70 -15.88
C LYS A 79 -23.19 -22.13 -14.51
N LYS A 80 -21.98 -22.67 -14.45
CA LYS A 80 -21.40 -23.12 -13.19
C LYS A 80 -20.01 -22.53 -12.96
N ILE A 81 -19.84 -21.88 -11.81
CA ILE A 81 -18.55 -21.28 -11.46
C ILE A 81 -18.03 -21.90 -10.16
N THR A 82 -16.84 -22.48 -10.23
CA THR A 82 -16.23 -23.06 -9.04
C THR A 82 -15.09 -22.14 -8.64
N LEU A 83 -15.07 -21.73 -7.37
CA LEU A 83 -13.99 -20.85 -6.90
C LEU A 83 -12.96 -21.62 -6.09
N VAL A 84 -11.71 -21.55 -6.55
CA VAL A 84 -10.62 -22.16 -5.82
C VAL A 84 -9.80 -21.03 -5.20
N ALA A 85 -9.88 -20.93 -3.87
CA ALA A 85 -9.13 -19.93 -3.12
C ALA A 85 -8.17 -20.73 -2.24
N PRO A 86 -6.98 -21.08 -2.78
CA PRO A 86 -5.96 -21.85 -2.06
C PRO A 86 -5.86 -21.39 -0.61
N TYR A 87 -5.62 -20.10 -0.42
CA TYR A 87 -5.60 -19.53 0.90
C TYR A 87 -6.88 -18.68 0.98
N LEU A 88 -7.75 -19.01 1.92
CA LEU A 88 -9.00 -18.28 2.10
C LEU A 88 -8.83 -17.34 3.29
N ALA A 89 -9.05 -16.05 3.05
CA ALA A 89 -8.93 -15.03 4.09
C ALA A 89 -10.20 -14.88 4.92
N TYR A 90 -10.07 -14.20 6.05
CA TYR A 90 -11.18 -13.93 6.97
C TYR A 90 -11.90 -15.19 7.45
N ALA A 91 -11.23 -16.33 7.37
CA ALA A 91 -11.84 -17.59 7.78
C ALA A 91 -11.15 -18.21 8.99
N ARG A 92 -10.36 -17.43 9.70
CA ARG A 92 -9.65 -17.96 10.85
C ARG A 92 -10.56 -18.30 12.02
N GLN A 93 -11.59 -17.48 12.26
CA GLN A 93 -12.48 -17.75 13.39
C GLN A 93 -13.87 -18.32 13.12
N ASP A 94 -14.37 -19.03 14.12
CA ASP A 94 -15.66 -19.71 14.07
C ASP A 94 -16.79 -18.85 14.62
N LYS A 95 -16.44 -17.98 15.56
CA LYS A 95 -17.45 -17.14 16.20
C LYS A 95 -16.89 -15.85 16.78
N LYS A 96 -17.71 -15.18 17.59
CA LYS A 96 -17.30 -13.93 18.21
C LYS A 96 -16.55 -14.19 19.50
N PHE A 97 -15.55 -13.35 19.78
CA PHE A 97 -14.76 -13.47 21.00
C PHE A 97 -15.07 -12.24 21.85
N ASN A 98 -16.05 -11.45 21.41
CA ASN A 98 -16.46 -10.24 22.12
C ASN A 98 -17.76 -9.76 21.54
N PRO A 99 -18.59 -9.14 22.38
CA PRO A 99 -19.88 -8.65 21.88
C PRO A 99 -19.57 -7.48 20.93
N GLY A 100 -20.45 -7.26 19.96
CA GLY A 100 -20.24 -6.17 19.01
C GLY A 100 -19.35 -6.56 17.84
N GLU A 101 -18.79 -7.76 17.88
CA GLU A 101 -17.94 -8.24 16.81
C GLU A 101 -18.76 -8.85 15.69
N ALA A 102 -18.08 -9.15 14.60
CA ALA A 102 -18.71 -9.78 13.46
C ALA A 102 -18.08 -11.15 13.31
N ILE A 103 -18.73 -12.01 12.52
CA ILE A 103 -18.16 -13.31 12.24
C ILE A 103 -17.90 -13.15 10.74
N SER A 104 -16.69 -12.69 10.43
CA SER A 104 -16.28 -12.40 9.05
C SER A 104 -16.53 -13.48 8.01
N ILE A 105 -16.21 -14.72 8.34
CA ILE A 105 -16.42 -15.80 7.38
C ILE A 105 -17.91 -16.03 7.16
N ARG A 106 -18.72 -15.73 8.17
CA ARG A 106 -20.16 -15.88 8.04
C ARG A 106 -20.69 -14.90 6.99
N ALA A 107 -20.28 -13.63 7.12
CA ALA A 107 -20.70 -12.58 6.20
C ALA A 107 -20.24 -12.82 4.76
N LEU A 108 -19.02 -13.35 4.62
CA LEU A 108 -18.48 -13.61 3.29
C LEU A 108 -19.05 -14.90 2.68
N ALA A 109 -19.37 -15.88 3.52
CA ALA A 109 -19.93 -17.13 3.03
C ALA A 109 -21.24 -16.82 2.31
N LYS A 110 -21.97 -15.85 2.82
CA LYS A 110 -23.24 -15.44 2.22
C LYS A 110 -23.03 -14.92 0.82
N ILE A 111 -21.98 -14.13 0.64
CA ILE A 111 -21.68 -13.60 -0.67
C ILE A 111 -21.20 -14.72 -1.60
N TYR A 112 -20.34 -15.60 -1.10
CA TYR A 112 -19.82 -16.71 -1.90
C TYR A 112 -20.93 -17.64 -2.38
N SER A 113 -21.85 -17.96 -1.47
CA SER A 113 -22.97 -18.85 -1.77
C SER A 113 -23.88 -18.27 -2.84
N ASN A 114 -23.75 -16.97 -3.05
CA ASN A 114 -24.57 -16.28 -4.04
C ASN A 114 -23.86 -16.11 -5.37
N ILE A 115 -22.53 -15.93 -5.36
CA ILE A 115 -21.83 -15.74 -6.64
C ILE A 115 -21.16 -16.97 -7.25
N VAL A 116 -20.91 -18.01 -6.45
CA VAL A 116 -20.33 -19.24 -6.99
C VAL A 116 -21.13 -20.47 -6.57
N ASP A 117 -20.99 -21.55 -7.32
CA ASP A 117 -21.71 -22.77 -7.07
C ASP A 117 -20.92 -23.75 -6.22
N LYS A 118 -19.62 -23.49 -6.11
CA LYS A 118 -18.75 -24.39 -5.34
C LYS A 118 -17.49 -23.65 -4.90
N LEU A 119 -17.04 -23.92 -3.70
CA LEU A 119 -15.84 -23.27 -3.18
C LEU A 119 -14.83 -24.30 -2.68
N ILE A 120 -13.61 -24.21 -3.18
CA ILE A 120 -12.54 -25.11 -2.77
C ILE A 120 -11.42 -24.31 -2.10
N THR A 121 -10.86 -24.84 -1.02
CA THR A 121 -9.77 -24.16 -0.35
C THR A 121 -8.82 -25.21 0.23
N ILE A 122 -7.58 -24.82 0.48
CA ILE A 122 -6.60 -25.76 1.01
C ILE A 122 -6.31 -25.54 2.49
N ASN A 123 -6.37 -26.62 3.26
CA ASN A 123 -6.11 -26.58 4.70
C ASN A 123 -6.66 -25.38 5.47
N PRO A 124 -7.99 -25.31 5.62
CA PRO A 124 -8.61 -24.20 6.36
C PRO A 124 -8.20 -24.36 7.81
N HIS A 125 -8.16 -23.27 8.55
CA HIS A 125 -7.77 -23.39 9.94
C HIS A 125 -8.92 -24.03 10.72
N GLU A 126 -10.13 -23.56 10.44
CA GLU A 126 -11.33 -24.04 11.11
C GLU A 126 -12.21 -24.80 10.11
N THR A 127 -12.36 -26.10 10.31
CA THR A 127 -13.17 -26.90 9.40
C THR A 127 -14.67 -26.60 9.51
N HIS A 128 -15.11 -26.07 10.65
CA HIS A 128 -16.53 -25.79 10.82
C HIS A 128 -17.08 -24.59 10.06
N ILE A 129 -16.20 -23.73 9.55
CA ILE A 129 -16.67 -22.57 8.82
C ILE A 129 -17.61 -22.98 7.67
N LYS A 130 -17.53 -24.25 7.24
CA LYS A 130 -18.39 -24.70 6.16
C LYS A 130 -19.88 -24.63 6.51
N ASP A 131 -20.18 -24.64 7.80
CA ASP A 131 -21.57 -24.60 8.23
C ASP A 131 -22.26 -23.30 7.80
N PHE A 132 -21.47 -22.29 7.48
CA PHE A 132 -22.02 -21.00 7.06
C PHE A 132 -22.33 -20.95 5.57
N PHE A 133 -21.83 -21.92 4.82
CA PHE A 133 -22.06 -21.95 3.38
C PHE A 133 -23.30 -22.73 2.97
N THR A 134 -23.95 -22.28 1.90
CA THR A 134 -25.13 -22.98 1.39
C THR A 134 -24.81 -23.53 0.01
N ILE A 135 -23.52 -23.66 -0.25
CA ILE A 135 -23.03 -24.26 -1.49
C ILE A 135 -21.97 -25.24 -1.03
N PRO A 136 -21.56 -26.17 -1.89
CA PRO A 136 -20.52 -27.15 -1.53
C PRO A 136 -19.21 -26.46 -1.10
N PHE A 137 -18.72 -26.83 0.08
CA PHE A 137 -17.48 -26.27 0.59
C PHE A 137 -16.46 -27.39 0.72
N ILE A 138 -15.58 -27.51 -0.28
CA ILE A 138 -14.57 -28.55 -0.32
C ILE A 138 -13.20 -28.05 0.12
N TYR A 139 -12.49 -28.86 0.91
CA TYR A 139 -11.16 -28.51 1.37
C TYR A 139 -10.17 -29.65 1.14
N GLY A 140 -9.03 -29.32 0.54
CA GLY A 140 -8.01 -30.32 0.27
C GLY A 140 -6.91 -30.19 1.30
N ASP A 141 -6.07 -31.22 1.40
CA ASP A 141 -4.97 -31.21 2.35
C ASP A 141 -3.62 -31.28 1.63
N ALA A 142 -2.76 -30.32 1.93
CA ALA A 142 -1.45 -30.25 1.30
C ALA A 142 -0.33 -30.78 2.20
N VAL A 143 -0.67 -31.16 3.43
CA VAL A 143 0.34 -31.69 4.35
C VAL A 143 1.09 -32.89 3.74
N PRO A 144 0.38 -33.80 3.06
CA PRO A 144 1.06 -34.95 2.45
C PRO A 144 2.19 -34.52 1.51
N LYS A 145 1.96 -33.43 0.78
CA LYS A 145 2.95 -32.92 -0.16
C LYS A 145 4.15 -32.33 0.58
N LEU A 146 3.92 -31.77 1.75
CA LEU A 146 5.01 -31.19 2.51
C LEU A 146 5.86 -32.34 3.03
N ALA A 147 5.19 -33.36 3.53
CA ALA A 147 5.85 -34.54 4.08
C ALA A 147 6.75 -35.17 3.02
N GLU A 148 6.22 -35.30 1.81
CA GLU A 148 6.96 -35.89 0.71
C GLU A 148 8.21 -35.07 0.36
N TYR A 149 8.17 -33.78 0.64
CA TYR A 149 9.28 -32.89 0.36
C TYR A 149 10.47 -33.06 1.31
N VAL A 150 10.17 -33.43 2.56
CA VAL A 150 11.21 -33.58 3.56
C VAL A 150 11.74 -34.98 3.85
N LYS A 151 10.96 -36.02 3.54
CA LYS A 151 11.39 -37.39 3.81
C LYS A 151 12.74 -37.62 3.13
N ASP A 152 12.95 -36.81 2.13
CA ASP A 152 14.16 -36.81 1.34
C ASP A 152 15.35 -36.22 2.11
N LYS A 153 15.10 -35.27 3.02
CA LYS A 153 16.19 -34.62 3.76
C LYS A 153 16.20 -34.66 5.29
N LEU A 154 15.55 -35.66 5.87
CA LEU A 154 15.54 -35.81 7.32
C LEU A 154 15.84 -37.27 7.65
N ASN A 155 16.62 -37.48 8.71
CA ASN A 155 17.02 -38.83 9.10
C ASN A 155 16.19 -39.35 10.27
N ASP A 156 15.26 -40.25 9.97
CA ASP A 156 14.41 -40.84 11.00
C ASP A 156 13.95 -39.73 11.94
N PRO A 157 13.17 -38.77 11.42
CA PRO A 157 12.68 -37.65 12.20
C PRO A 157 11.47 -37.91 13.08
N ILE A 158 11.25 -37.00 14.02
CA ILE A 158 10.10 -37.02 14.91
C ILE A 158 9.23 -35.91 14.34
N VAL A 159 7.97 -36.19 14.06
CA VAL A 159 7.10 -35.15 13.52
C VAL A 159 6.37 -34.46 14.66
N LEU A 160 6.59 -33.16 14.81
CA LEU A 160 5.94 -32.42 15.90
C LEU A 160 4.94 -31.37 15.49
N ALA A 161 3.87 -31.25 16.27
CA ALA A 161 2.87 -30.23 16.03
C ALA A 161 3.22 -29.12 17.05
N PRO A 162 3.29 -27.85 16.60
CA PRO A 162 3.62 -26.71 17.47
C PRO A 162 2.75 -26.63 18.72
N ASP A 163 1.55 -27.22 18.62
CA ASP A 163 0.59 -27.27 19.72
C ASP A 163 -0.41 -28.39 19.46
N LYS A 164 -1.24 -28.69 20.45
CA LYS A 164 -2.23 -29.75 20.30
C LYS A 164 -3.11 -29.55 19.07
N GLY A 165 -3.52 -28.30 18.84
CA GLY A 165 -4.37 -27.96 17.71
C GLY A 165 -3.94 -28.54 16.37
N ALA A 166 -2.62 -28.59 16.15
CA ALA A 166 -2.09 -29.10 14.89
C ALA A 166 -1.66 -30.57 14.92
N LEU A 167 -2.15 -31.32 15.90
CA LEU A 167 -1.77 -32.72 16.01
C LEU A 167 -2.08 -33.53 14.76
N GLU A 168 -3.18 -33.22 14.09
CA GLU A 168 -3.56 -33.98 12.91
C GLU A 168 -2.60 -33.85 11.74
N PHE A 169 -2.02 -32.66 11.60
CA PHE A 169 -1.09 -32.41 10.53
C PHE A 169 0.13 -33.27 10.79
N ALA A 170 0.56 -33.31 12.05
CA ALA A 170 1.71 -34.11 12.45
C ALA A 170 1.43 -35.58 12.19
N LYS A 171 0.21 -36.02 12.53
CA LYS A 171 -0.15 -37.42 12.32
C LYS A 171 -0.13 -37.76 10.83
N THR A 172 -0.74 -36.91 10.02
CA THR A 172 -0.77 -37.12 8.57
C THR A 172 0.62 -37.27 8.01
N ALA A 173 1.47 -36.28 8.28
CA ALA A 173 2.86 -36.31 7.80
C ALA A 173 3.56 -37.53 8.37
N SER A 174 3.27 -37.81 9.64
CA SER A 174 3.86 -38.92 10.36
C SER A 174 3.68 -40.24 9.63
N LYS A 175 2.47 -40.47 9.13
CA LYS A 175 2.18 -41.68 8.41
C LYS A 175 3.03 -41.80 7.13
N ILE A 176 3.11 -40.72 6.36
CA ILE A 176 3.88 -40.70 5.12
C ILE A 176 5.38 -40.90 5.35
N LEU A 177 5.87 -40.44 6.49
CA LEU A 177 7.29 -40.56 6.81
C LEU A 177 7.63 -41.82 7.64
N ASN A 178 6.61 -42.56 8.06
CA ASN A 178 6.80 -43.77 8.87
C ASN A 178 7.56 -43.38 10.13
N ALA A 179 7.20 -42.24 10.70
CA ALA A 179 7.88 -41.74 11.88
C ALA A 179 6.90 -41.60 13.04
N GLU A 180 7.41 -41.31 14.22
CA GLU A 180 6.57 -41.13 15.40
C GLU A 180 6.14 -39.67 15.36
N TYR A 181 5.11 -39.34 16.15
CA TYR A 181 4.65 -37.96 16.19
C TYR A 181 4.12 -37.58 17.57
N ASP A 182 4.14 -36.30 17.86
CA ASP A 182 3.70 -35.79 19.16
C ASP A 182 3.39 -34.31 18.98
N TYR A 183 3.21 -33.60 20.09
CA TYR A 183 2.92 -32.18 20.05
C TYR A 183 3.38 -31.49 21.33
N LEU A 184 3.88 -30.26 21.21
CA LEU A 184 4.33 -29.51 22.38
C LEU A 184 3.09 -29.18 23.22
N GLU A 185 3.17 -29.36 24.54
CA GLU A 185 2.04 -29.08 25.42
C GLU A 185 2.10 -27.70 26.07
N ILE A 196 6.50 -25.97 28.64
CA ILE A 196 6.47 -26.28 27.21
C ILE A 196 7.49 -27.35 26.81
N ALA A 197 7.01 -28.39 26.12
CA ALA A 197 7.85 -29.50 25.64
C ALA A 197 6.94 -30.56 25.02
N PRO A 198 7.52 -31.50 24.24
CA PRO A 198 6.65 -32.52 23.67
C PRO A 198 5.93 -33.28 24.77
N LYS A 199 4.67 -33.64 24.53
CA LYS A 199 3.87 -34.34 25.52
C LYS A 199 4.45 -35.68 25.93
N THR A 200 5.03 -36.40 24.98
CA THR A 200 5.55 -37.74 25.24
C THR A 200 6.95 -38.01 24.74
N LEU A 201 7.21 -37.70 23.46
CA LEU A 201 8.51 -37.97 22.87
C LEU A 201 9.62 -37.09 23.41
N ASP A 202 10.85 -37.41 23.01
CA ASP A 202 12.04 -36.69 23.45
C ASP A 202 12.91 -36.47 22.21
N ALA A 203 13.27 -35.20 21.98
CA ALA A 203 14.07 -34.82 20.83
C ALA A 203 15.58 -34.98 20.94
N LYS A 204 16.08 -35.43 22.08
CA LYS A 204 17.52 -35.60 22.25
C LYS A 204 18.10 -36.40 21.09
N ASP A 205 19.10 -35.83 20.43
CA ASP A 205 19.77 -36.45 19.28
C ASP A 205 18.88 -36.95 18.15
N ARG A 206 17.84 -36.19 17.83
CA ARG A 206 16.94 -36.58 16.75
C ARG A 206 16.58 -35.47 15.76
N ASP A 207 16.31 -35.87 14.53
CA ASP A 207 15.92 -34.92 13.49
C ASP A 207 14.46 -34.62 13.76
N VAL A 208 14.04 -33.38 13.48
CA VAL A 208 12.67 -32.98 13.73
C VAL A 208 11.96 -32.27 12.58
N PHE A 209 10.71 -32.68 12.35
CA PHE A 209 9.88 -32.10 11.30
C PHE A 209 8.70 -31.43 12.01
N ILE A 210 8.76 -30.11 12.14
CA ILE A 210 7.68 -29.37 12.78
C ILE A 210 6.74 -28.98 11.66
N VAL A 211 5.46 -29.32 11.81
CA VAL A 211 4.48 -28.99 10.77
C VAL A 211 3.23 -28.37 11.35
N ASP A 212 2.73 -27.34 10.67
CA ASP A 212 1.54 -26.65 11.10
C ASP A 212 0.85 -26.17 9.83
N ASP A 213 -0.35 -25.61 9.96
CA ASP A 213 -1.04 -25.13 8.78
C ASP A 213 -0.59 -23.70 8.44
N ILE A 214 -0.28 -22.90 9.47
CA ILE A 214 0.15 -21.52 9.25
C ILE A 214 1.30 -21.10 10.14
N ILE A 215 2.09 -20.16 9.62
CA ILE A 215 3.20 -19.55 10.34
C ILE A 215 3.12 -18.07 9.96
N SER A 216 2.56 -17.26 10.86
CA SER A 216 2.40 -15.82 10.63
C SER A 216 3.59 -15.05 11.20
N THR A 217 3.49 -14.82 12.50
CA THR A 217 4.45 -14.11 13.32
C THR A 217 5.74 -14.89 13.51
N GLY A 218 5.60 -16.21 13.67
CA GLY A 218 6.76 -17.05 13.87
C GLY A 218 7.08 -17.34 15.34
N GLY A 219 6.41 -16.65 16.27
CA GLY A 219 6.66 -16.89 17.69
C GLY A 219 6.51 -18.34 18.13
N THR A 220 5.31 -18.89 17.92
CA THR A 220 5.01 -20.29 18.25
C THR A 220 6.13 -21.18 17.72
N MET A 221 6.44 -21.00 16.44
CA MET A 221 7.49 -21.76 15.80
C MET A 221 8.89 -21.51 16.40
N ALA A 222 9.37 -20.27 16.33
CA ALA A 222 10.70 -19.93 16.85
C ALA A 222 10.89 -20.45 18.26
N THR A 223 9.83 -20.41 19.03
CA THR A 223 9.87 -20.88 20.41
C THR A 223 10.15 -22.38 20.44
N ALA A 224 9.33 -23.14 19.72
CA ALA A 224 9.50 -24.58 19.65
C ALA A 224 10.92 -24.97 19.20
N VAL A 225 11.45 -24.27 18.20
CA VAL A 225 12.78 -24.54 17.69
C VAL A 225 13.89 -24.31 18.70
N LYS A 226 13.86 -23.17 19.37
CA LYS A 226 14.88 -22.86 20.37
C LYS A 226 14.89 -23.95 21.45
N LEU A 227 13.72 -24.30 21.96
CA LEU A 227 13.61 -25.33 22.98
C LEU A 227 14.15 -26.66 22.46
N LEU A 228 13.58 -27.15 21.37
CA LEU A 228 14.01 -28.40 20.76
C LEU A 228 15.53 -28.44 20.60
N LYS A 229 16.12 -27.33 20.19
CA LYS A 229 17.56 -27.28 20.04
C LYS A 229 18.21 -27.54 21.40
N GLU A 230 17.61 -26.98 22.44
CA GLU A 230 18.13 -27.16 23.78
C GLU A 230 17.99 -28.58 24.28
N GLN A 231 16.97 -29.27 23.79
CA GLN A 231 16.75 -30.65 24.18
C GLN A 231 17.61 -31.55 23.31
N GLY A 232 18.58 -30.93 22.63
CA GLY A 232 19.50 -31.67 21.79
C GLY A 232 18.94 -32.17 20.47
N ALA A 233 18.05 -31.39 19.85
CA ALA A 233 17.49 -31.79 18.56
C ALA A 233 18.57 -31.58 17.52
N LYS A 234 18.56 -32.41 16.48
CA LYS A 234 19.56 -32.27 15.45
C LYS A 234 19.04 -31.37 14.31
N LYS A 235 18.87 -31.94 13.12
CA LYS A 235 18.37 -31.16 11.98
C LYS A 235 16.85 -30.92 12.12
N ILE A 236 16.46 -29.64 12.11
CA ILE A 236 15.05 -29.27 12.24
C ILE A 236 14.52 -28.56 11.01
N ILE A 237 13.42 -29.08 10.46
CA ILE A 237 12.79 -28.48 9.30
C ILE A 237 11.38 -28.08 9.72
N ALA A 238 11.02 -26.85 9.42
CA ALA A 238 9.69 -26.34 9.72
C ALA A 238 8.90 -26.15 8.43
N ALA A 239 7.73 -26.78 8.37
CA ALA A 239 6.87 -26.67 7.20
C ALA A 239 5.47 -26.19 7.59
N CYS A 240 4.84 -25.48 6.67
CA CYS A 240 3.49 -24.97 6.88
C CYS A 240 2.81 -24.94 5.52
N VAL A 241 1.48 -24.92 5.50
CA VAL A 241 0.80 -24.87 4.23
C VAL A 241 0.74 -23.42 3.76
N HIS A 242 0.38 -22.52 4.65
CA HIS A 242 0.28 -21.11 4.30
C HIS A 242 1.41 -20.32 4.93
N PRO A 243 2.48 -20.10 4.16
CA PRO A 243 3.65 -19.35 4.64
C PRO A 243 3.44 -17.85 4.66
N VAL A 244 2.56 -17.40 5.55
CA VAL A 244 2.25 -15.97 5.68
C VAL A 244 3.50 -15.19 6.04
N LEU A 245 4.34 -15.80 6.90
CA LEU A 245 5.62 -15.23 7.34
C LEU A 245 5.71 -13.70 7.32
N ILE A 246 5.03 -13.08 8.27
CA ILE A 246 4.99 -11.64 8.38
C ILE A 246 6.28 -11.04 8.92
N GLY A 247 6.63 -9.89 8.38
CA GLY A 247 7.81 -9.19 8.83
C GLY A 247 9.10 -9.96 8.83
N ASP A 248 9.73 -10.06 10.00
CA ASP A 248 10.99 -10.75 10.12
C ASP A 248 10.84 -12.20 10.58
N ALA A 249 9.67 -12.76 10.34
CA ALA A 249 9.37 -14.13 10.73
C ALA A 249 10.45 -15.14 10.32
N LEU A 250 10.85 -15.10 9.05
CA LEU A 250 11.88 -16.03 8.56
C LEU A 250 13.21 -15.89 9.28
N ASN A 251 13.64 -14.65 9.51
CA ASN A 251 14.91 -14.43 10.19
C ASN A 251 14.84 -14.97 11.60
N LYS A 252 13.67 -14.83 12.21
CA LYS A 252 13.41 -15.28 13.57
C LYS A 252 13.62 -16.81 13.65
N LEU A 253 13.02 -17.53 12.72
CA LEU A 253 13.14 -18.99 12.67
C LEU A 253 14.56 -19.47 12.37
N TYR A 254 15.20 -18.85 11.39
CA TYR A 254 16.56 -19.20 11.01
C TYR A 254 17.52 -19.01 12.18
N SER A 255 17.34 -17.94 12.94
CA SER A 255 18.18 -17.65 14.09
C SER A 255 17.94 -18.65 15.19
N ALA A 256 16.68 -19.04 15.38
CA ALA A 256 16.35 -20.03 16.40
C ALA A 256 17.11 -21.30 16.06
N GLY A 257 17.52 -21.41 14.80
CA GLY A 257 18.27 -22.57 14.36
C GLY A 257 17.62 -23.59 13.43
N VAL A 258 16.55 -23.23 12.72
CA VAL A 258 15.95 -24.22 11.81
C VAL A 258 16.86 -24.46 10.61
N GLU A 259 16.84 -25.68 10.12
CA GLU A 259 17.65 -26.07 8.98
C GLU A 259 17.04 -25.51 7.70
N GLU A 260 15.71 -25.43 7.69
CA GLU A 260 14.97 -24.93 6.55
C GLU A 260 13.50 -24.71 6.87
N VAL A 261 12.90 -23.74 6.19
CA VAL A 261 11.48 -23.45 6.31
C VAL A 261 10.91 -23.65 4.90
N VAL A 262 9.81 -24.37 4.81
CA VAL A 262 9.20 -24.62 3.52
C VAL A 262 7.70 -24.46 3.58
N GLY A 263 7.14 -23.86 2.54
CA GLY A 263 5.69 -23.66 2.48
C GLY A 263 5.19 -24.04 1.10
N THR A 264 3.90 -23.80 0.85
CA THR A 264 3.32 -24.11 -0.45
C THR A 264 3.02 -22.82 -1.21
N ASP A 265 2.49 -22.97 -2.41
CA ASP A 265 2.16 -21.82 -3.23
C ASP A 265 0.70 -21.33 -3.08
N THR A 266 0.11 -21.54 -1.91
CA THR A 266 -1.25 -21.04 -1.66
C THR A 266 -1.10 -19.57 -1.30
N TYR A 267 0.06 -19.24 -0.72
CA TYR A 267 0.36 -17.89 -0.28
C TYR A 267 1.83 -17.61 -0.64
N LEU A 268 2.05 -16.62 -1.48
CA LEU A 268 3.39 -16.28 -1.93
C LEU A 268 4.38 -15.83 -0.86
N SER A 269 5.49 -16.57 -0.77
CA SER A 269 6.55 -16.27 0.18
C SER A 269 7.88 -16.64 -0.45
N GLU A 270 8.98 -16.30 0.22
CA GLU A 270 10.30 -16.63 -0.29
C GLU A 270 10.58 -18.11 -0.19
N VAL A 271 9.67 -18.86 0.43
CA VAL A 271 9.85 -20.31 0.58
C VAL A 271 8.68 -21.16 0.08
N SER A 272 7.86 -20.60 -0.81
CA SER A 272 6.73 -21.33 -1.38
C SER A 272 7.27 -22.34 -2.41
N LYS A 273 7.93 -23.38 -1.92
CA LYS A 273 8.53 -24.42 -2.76
C LYS A 273 7.59 -25.54 -3.22
N VAL A 274 6.65 -25.93 -2.38
CA VAL A 274 5.74 -27.01 -2.73
C VAL A 274 4.47 -26.49 -3.41
N SER A 275 4.03 -27.18 -4.44
CA SER A 275 2.82 -26.79 -5.17
C SER A 275 1.59 -27.57 -4.73
N VAL A 276 0.42 -26.93 -4.79
CA VAL A 276 -0.83 -27.57 -4.42
C VAL A 276 -1.66 -27.85 -5.67
N ALA A 277 -1.06 -27.65 -6.82
CA ALA A 277 -1.73 -27.87 -8.09
C ALA A 277 -2.42 -29.23 -8.17
N GLU A 278 -1.65 -30.29 -7.90
CA GLU A 278 -2.20 -31.64 -7.94
C GLU A 278 -3.33 -31.80 -6.94
N VAL A 279 -3.14 -31.22 -5.75
CA VAL A 279 -4.14 -31.32 -4.69
C VAL A 279 -5.44 -30.70 -5.15
N ILE A 280 -5.34 -29.60 -5.88
CA ILE A 280 -6.51 -28.89 -6.40
C ILE A 280 -7.15 -29.70 -7.54
N VAL A 281 -6.32 -30.22 -8.41
CA VAL A 281 -6.82 -31.00 -9.54
C VAL A 281 -7.68 -32.17 -9.08
N ASP A 282 -7.32 -32.78 -7.95
CA ASP A 282 -8.08 -33.92 -7.45
C ASP A 282 -9.42 -33.56 -6.85
N LEU A 283 -9.61 -32.29 -6.50
CA LEU A 283 -10.85 -31.84 -5.91
C LEU A 283 -11.81 -31.31 -6.98
N LEU A 284 -11.33 -31.26 -8.22
CA LEU A 284 -12.14 -30.76 -9.31
C LEU A 284 -12.98 -31.87 -9.95
N MET B 1 -32.01 6.47 15.90
CA MET B 1 -31.02 5.96 14.89
C MET B 1 -29.58 6.25 15.35
N ILE B 2 -28.81 5.19 15.57
CA ILE B 2 -27.41 5.34 15.98
C ILE B 2 -26.57 5.52 14.73
N VAL B 3 -25.52 6.32 14.84
CA VAL B 3 -24.61 6.57 13.72
C VAL B 3 -23.39 5.67 13.90
N VAL B 4 -23.10 4.85 12.90
CA VAL B 4 -21.97 3.94 12.95
C VAL B 4 -20.87 4.44 12.01
N SER B 5 -19.73 4.80 12.60
CA SER B 5 -18.60 5.31 11.84
C SER B 5 -17.84 4.24 11.09
N GLY B 6 -17.57 4.51 9.82
CA GLY B 6 -16.76 3.61 9.03
C GLY B 6 -15.38 4.18 9.25
N SER B 7 -14.33 3.41 9.01
CA SER B 7 -12.99 3.91 9.23
C SER B 7 -12.60 5.05 8.29
N GLN B 8 -13.29 5.16 7.17
CA GLN B 8 -12.95 6.19 6.20
C GLN B 8 -13.74 7.51 6.26
N SER B 9 -14.75 7.58 7.13
CA SER B 9 -15.56 8.78 7.28
C SER B 9 -15.78 9.11 8.76
N GLN B 10 -14.74 9.00 9.56
CA GLN B 10 -14.85 9.27 10.98
C GLN B 10 -15.27 10.70 11.33
N ASN B 11 -14.79 11.69 10.57
CA ASN B 11 -15.15 13.07 10.85
C ASN B 11 -16.55 13.38 10.33
N LEU B 12 -16.87 12.89 9.14
CA LEU B 12 -18.17 13.12 8.55
C LEU B 12 -19.28 12.49 9.40
N ALA B 13 -19.04 11.27 9.88
CA ALA B 13 -20.02 10.57 10.71
C ALA B 13 -20.28 11.37 11.98
N PHE B 14 -19.20 11.94 12.53
CA PHE B 14 -19.27 12.74 13.74
C PHE B 14 -20.12 13.99 13.51
N LYS B 15 -19.84 14.69 12.42
CA LYS B 15 -20.57 15.90 12.07
C LYS B 15 -22.05 15.63 11.84
N VAL B 16 -22.33 14.47 11.24
CA VAL B 16 -23.72 14.07 10.98
C VAL B 16 -24.44 13.75 12.27
N ALA B 17 -23.79 12.98 13.12
CA ALA B 17 -24.37 12.59 14.39
C ALA B 17 -24.69 13.85 15.20
N LYS B 18 -23.78 14.81 15.16
CA LYS B 18 -23.93 16.07 15.88
C LYS B 18 -25.17 16.79 15.39
N LEU B 19 -25.35 16.81 14.08
CA LEU B 19 -26.51 17.46 13.50
C LEU B 19 -27.78 16.71 13.88
N LEU B 20 -27.71 15.39 13.92
CA LEU B 20 -28.88 14.58 14.29
C LEU B 20 -29.01 14.57 15.80
N ASN B 21 -28.11 15.27 16.48
CA ASN B 21 -28.10 15.32 17.93
C ASN B 21 -28.17 13.91 18.53
N THR B 22 -27.37 13.00 17.97
CA THR B 22 -27.29 11.62 18.41
C THR B 22 -25.92 11.31 18.99
N LYS B 23 -25.90 10.41 19.97
CA LYS B 23 -24.64 9.99 20.60
C LYS B 23 -23.90 9.16 19.54
N LEU B 24 -22.64 9.52 19.28
CA LEU B 24 -21.85 8.80 18.29
C LEU B 24 -21.34 7.46 18.85
N THR B 25 -21.78 6.36 18.24
CA THR B 25 -21.39 5.01 18.65
C THR B 25 -19.89 4.76 18.49
N ARG B 26 -19.26 4.21 19.51
CA ARG B 26 -17.83 3.92 19.45
C ARG B 26 -17.62 2.64 18.64
N VAL B 27 -16.91 2.77 17.52
CA VAL B 27 -16.66 1.61 16.68
C VAL B 27 -15.18 1.31 16.60
N GLU B 28 -14.80 0.13 17.08
CA GLU B 28 -13.40 -0.27 17.05
C GLU B 28 -12.98 -0.71 15.65
N TYR B 29 -11.85 -0.18 15.18
CA TYR B 29 -11.31 -0.53 13.87
C TYR B 29 -9.81 -0.71 13.92
N LYS B 30 -9.32 -1.83 13.42
CA LYS B 30 -7.89 -2.09 13.39
C LYS B 30 -7.54 -3.15 12.36
N ARG B 31 -6.26 -3.43 12.21
CA ARG B 31 -5.81 -4.43 11.25
C ARG B 31 -5.03 -5.53 11.97
N PHE B 32 -5.27 -6.77 11.61
CA PHE B 32 -4.51 -7.86 12.22
C PHE B 32 -3.13 -7.80 11.56
N PRO B 33 -2.17 -8.59 12.08
CA PRO B 33 -0.85 -8.55 11.44
C PRO B 33 -1.01 -8.87 9.95
N ASP B 34 -2.00 -9.71 9.65
CA ASP B 34 -2.38 -10.13 8.30
C ASP B 34 -2.60 -8.91 7.41
N ASN B 35 -3.28 -7.95 8.03
CA ASN B 35 -3.70 -6.70 7.44
C ASN B 35 -5.20 -6.88 7.16
N GLU B 36 -5.77 -7.93 7.75
CA GLU B 36 -7.21 -8.17 7.60
C GLU B 36 -7.89 -7.16 8.49
N ILE B 37 -9.09 -6.74 8.09
CA ILE B 37 -9.85 -5.77 8.85
C ILE B 37 -10.54 -6.38 10.07
N TYR B 38 -10.53 -5.63 11.15
CA TYR B 38 -11.19 -6.02 12.38
C TYR B 38 -12.11 -4.88 12.78
N VAL B 39 -13.39 -5.17 12.89
CA VAL B 39 -14.33 -4.14 13.32
C VAL B 39 -15.05 -4.60 14.58
N ARG B 40 -15.56 -3.64 15.35
CA ARG B 40 -16.28 -3.96 16.56
C ARG B 40 -17.10 -2.81 17.15
N ILE B 41 -18.41 -3.04 17.24
CA ILE B 41 -19.32 -2.07 17.81
C ILE B 41 -19.09 -2.16 19.31
N VAL B 42 -18.38 -1.19 19.87
CA VAL B 42 -18.07 -1.20 21.29
C VAL B 42 -19.25 -0.86 22.17
N ASP B 43 -19.87 0.30 21.95
CA ASP B 43 -21.05 0.70 22.72
C ASP B 43 -22.17 -0.31 22.55
N GLU B 44 -23.03 -0.40 23.55
CA GLU B 44 -24.14 -1.32 23.48
C GLU B 44 -25.24 -0.72 22.61
N ILE B 45 -25.83 -1.55 21.76
CA ILE B 45 -26.87 -1.10 20.86
C ILE B 45 -28.26 -1.55 21.27
N ASN B 46 -29.09 -0.55 21.63
CA ASN B 46 -30.47 -0.78 22.04
C ASN B 46 -31.33 -0.53 20.80
N ASP B 47 -31.19 0.68 20.23
CA ASP B 47 -31.92 1.07 19.03
C ASP B 47 -31.77 -0.04 17.97
N ASP B 48 -32.72 -0.16 17.05
CA ASP B 48 -32.61 -1.19 16.02
C ASP B 48 -32.53 -0.62 14.60
N GLU B 49 -32.07 0.62 14.50
CA GLU B 49 -31.89 1.30 13.21
C GLU B 49 -30.55 2.04 13.25
N ALA B 50 -29.63 1.62 12.40
CA ALA B 50 -28.32 2.25 12.37
C ALA B 50 -28.04 2.83 11.00
N VAL B 51 -27.13 3.79 10.97
CA VAL B 51 -26.72 4.42 9.73
C VAL B 51 -25.20 4.31 9.64
N ILE B 52 -24.72 3.55 8.65
CA ILE B 52 -23.29 3.40 8.44
C ILE B 52 -22.83 4.50 7.49
N ILE B 53 -21.82 5.26 7.91
CA ILE B 53 -21.29 6.32 7.07
C ILE B 53 -19.84 5.98 6.80
N ASN B 54 -19.61 5.44 5.62
CA ASN B 54 -18.27 5.03 5.22
C ASN B 54 -18.05 5.25 3.73
N THR B 55 -17.27 6.29 3.40
CA THR B 55 -16.98 6.59 2.01
C THR B 55 -15.98 5.57 1.47
N GLN B 56 -15.83 5.52 0.15
CA GLN B 56 -14.94 4.52 -0.45
C GLN B 56 -13.72 5.00 -1.21
N LYS B 57 -12.91 5.87 -0.62
CA LYS B 57 -11.69 6.32 -1.28
C LYS B 57 -10.81 5.07 -1.51
N ASN B 58 -10.64 4.26 -0.48
CA ASN B 58 -9.91 3.01 -0.62
C ASN B 58 -11.05 2.04 -0.87
N GLN B 59 -11.37 1.89 -2.13
CA GLN B 59 -12.48 1.08 -2.59
C GLN B 59 -12.73 -0.30 -1.99
N ASN B 60 -11.84 -1.25 -2.25
CA ASN B 60 -12.03 -2.61 -1.75
C ASN B 60 -12.06 -2.72 -0.23
N ASP B 61 -11.36 -1.84 0.45
CA ASP B 61 -11.35 -1.86 1.91
C ASP B 61 -12.72 -1.44 2.43
N ALA B 62 -13.30 -0.41 1.82
CA ALA B 62 -14.60 0.10 2.21
C ALA B 62 -15.69 -0.93 2.02
N ILE B 63 -15.61 -1.68 0.94
CA ILE B 63 -16.59 -2.70 0.62
C ILE B 63 -16.55 -3.83 1.66
N VAL B 64 -15.36 -4.34 1.94
CA VAL B 64 -15.25 -5.41 2.92
C VAL B 64 -15.57 -4.93 4.32
N GLU B 65 -15.09 -3.75 4.68
CA GLU B 65 -15.37 -3.22 6.00
C GLU B 65 -16.88 -3.05 6.21
N THR B 66 -17.58 -2.63 5.17
CA THR B 66 -19.01 -2.42 5.23
C THR B 66 -19.74 -3.77 5.41
N ILE B 67 -19.30 -4.77 4.65
CA ILE B 67 -19.86 -6.12 4.74
C ILE B 67 -19.74 -6.65 6.18
N LEU B 68 -18.57 -6.49 6.76
CA LEU B 68 -18.32 -6.94 8.12
C LEU B 68 -19.15 -6.19 9.16
N LEU B 69 -19.28 -4.88 8.99
CA LEU B 69 -20.06 -4.06 9.92
C LEU B 69 -21.54 -4.43 9.89
N CYS B 70 -22.07 -4.74 8.70
CA CYS B 70 -23.47 -5.11 8.59
C CYS B 70 -23.72 -6.40 9.35
N ASP B 71 -22.81 -7.36 9.20
CA ASP B 71 -22.93 -8.64 9.89
C ASP B 71 -22.92 -8.39 11.40
N ALA B 72 -22.02 -7.53 11.86
CA ALA B 72 -21.90 -7.21 13.28
C ALA B 72 -23.16 -6.52 13.82
N LEU B 73 -23.77 -5.65 13.03
CA LEU B 73 -24.97 -4.96 13.45
C LEU B 73 -26.18 -5.91 13.51
N ARG B 74 -26.37 -6.71 12.46
CA ARG B 74 -27.49 -7.66 12.43
C ARG B 74 -27.41 -8.60 13.62
N ASP B 75 -26.20 -9.11 13.87
CA ASP B 75 -25.96 -10.06 14.95
C ASP B 75 -26.11 -9.39 16.29
N GLU B 76 -26.64 -8.17 16.27
CA GLU B 76 -26.81 -7.44 17.51
C GLU B 76 -28.19 -6.83 17.62
N GLY B 77 -29.10 -7.30 16.78
CA GLY B 77 -30.47 -6.83 16.83
C GLY B 77 -30.93 -5.80 15.84
N VAL B 78 -30.01 -5.05 15.22
CA VAL B 78 -30.40 -4.01 14.26
C VAL B 78 -31.29 -4.51 13.11
N LYS B 79 -32.50 -3.96 13.02
CA LYS B 79 -33.46 -4.37 11.99
C LYS B 79 -33.31 -3.64 10.67
N LYS B 80 -32.93 -2.36 10.72
CA LYS B 80 -32.76 -1.56 9.51
C LYS B 80 -31.37 -0.90 9.47
N ILE B 81 -30.65 -1.13 8.37
CA ILE B 81 -29.33 -0.55 8.19
C ILE B 81 -29.29 0.30 6.94
N THR B 82 -28.96 1.57 7.10
CA THR B 82 -28.86 2.48 5.97
C THR B 82 -27.39 2.76 5.75
N LEU B 83 -26.92 2.57 4.52
CA LEU B 83 -25.52 2.82 4.20
C LEU B 83 -25.34 4.15 3.47
N VAL B 84 -24.51 5.00 4.05
CA VAL B 84 -24.20 6.27 3.44
C VAL B 84 -22.74 6.19 2.95
N ALA B 85 -22.57 6.12 1.64
CA ALA B 85 -21.27 6.06 1.01
C ALA B 85 -21.14 7.36 0.21
N PRO B 86 -20.68 8.45 0.87
CA PRO B 86 -20.52 9.76 0.22
C PRO B 86 -19.94 9.58 -1.17
N TYR B 87 -18.79 8.92 -1.25
CA TYR B 87 -18.21 8.63 -2.54
C TYR B 87 -18.41 7.14 -2.75
N LEU B 88 -19.12 6.76 -3.80
CA LEU B 88 -19.36 5.35 -4.08
C LEU B 88 -18.42 4.89 -5.20
N ALA B 89 -17.61 3.89 -4.92
CA ALA B 89 -16.66 3.37 -5.89
C ALA B 89 -17.28 2.35 -6.84
N TYR B 90 -16.57 2.06 -7.92
CA TYR B 90 -17.01 1.11 -8.93
C TYR B 90 -18.36 1.43 -9.54
N ALA B 91 -18.79 2.68 -9.44
CA ALA B 91 -20.09 3.08 -9.98
C ALA B 91 -19.98 4.06 -11.13
N ARG B 92 -18.79 4.18 -11.72
CA ARG B 92 -18.61 5.11 -12.82
C ARG B 92 -19.34 4.72 -14.11
N GLN B 93 -19.39 3.44 -14.42
CA GLN B 93 -20.03 3.01 -15.66
C GLN B 93 -21.39 2.32 -15.56
N ASP B 94 -22.15 2.47 -16.64
CA ASP B 94 -23.51 1.96 -16.76
C ASP B 94 -23.54 0.57 -17.39
N LYS B 95 -22.55 0.30 -18.24
CA LYS B 95 -22.51 -0.97 -18.95
C LYS B 95 -21.12 -1.37 -19.42
N LYS B 96 -21.06 -2.39 -20.27
CA LYS B 96 -19.79 -2.88 -20.79
C LYS B 96 -19.35 -2.07 -22.00
N PHE B 97 -18.04 -1.88 -22.11
CA PHE B 97 -17.48 -1.15 -23.25
C PHE B 97 -16.67 -2.13 -24.08
N ASN B 98 -16.76 -3.40 -23.70
CA ASN B 98 -16.04 -4.46 -24.40
C ASN B 98 -16.59 -5.80 -23.96
N PRO B 99 -16.59 -6.78 -24.86
CA PRO B 99 -17.11 -8.10 -24.49
C PRO B 99 -16.16 -8.71 -23.46
N GLY B 100 -16.68 -9.56 -22.57
CA GLY B 100 -15.84 -10.16 -21.54
C GLY B 100 -15.67 -9.31 -20.29
N GLU B 101 -16.19 -8.08 -20.33
CA GLU B 101 -16.08 -7.19 -19.18
C GLU B 101 -17.20 -7.47 -18.20
N ALA B 102 -17.11 -6.81 -17.06
CA ALA B 102 -18.12 -6.94 -16.03
C ALA B 102 -18.77 -5.56 -15.87
N ILE B 103 -19.91 -5.53 -15.21
CA ILE B 103 -20.54 -4.26 -14.92
C ILE B 103 -20.40 -4.25 -13.39
N SER B 104 -19.29 -3.67 -12.92
CA SER B 104 -18.96 -3.62 -11.50
C SER B 104 -20.05 -3.13 -10.54
N ILE B 105 -20.75 -2.06 -10.89
CA ILE B 105 -21.79 -1.55 -10.02
C ILE B 105 -22.96 -2.53 -9.96
N ARG B 106 -23.15 -3.29 -11.04
CA ARG B 106 -24.22 -4.29 -11.09
C ARG B 106 -23.95 -5.41 -10.08
N ALA B 107 -22.72 -5.90 -10.09
CA ALA B 107 -22.29 -6.96 -9.18
C ALA B 107 -22.35 -6.53 -7.71
N LEU B 108 -21.95 -5.28 -7.45
CA LEU B 108 -21.95 -4.78 -6.09
C LEU B 108 -23.35 -4.39 -5.60
N ALA B 109 -24.19 -3.92 -6.52
CA ALA B 109 -25.55 -3.54 -6.15
C ALA B 109 -26.25 -4.77 -5.56
N LYS B 110 -25.95 -5.94 -6.12
CA LYS B 110 -26.52 -7.20 -5.65
C LYS B 110 -26.15 -7.45 -4.21
N ILE B 111 -24.90 -7.20 -3.86
CA ILE B 111 -24.45 -7.38 -2.50
C ILE B 111 -25.08 -6.32 -1.59
N TYR B 112 -25.11 -5.07 -2.04
CA TYR B 112 -25.69 -3.99 -1.24
C TYR B 112 -27.17 -4.23 -0.93
N SER B 113 -27.91 -4.65 -1.95
CA SER B 113 -29.34 -4.93 -1.82
C SER B 113 -29.61 -6.04 -0.80
N ASN B 114 -28.60 -6.85 -0.54
CA ASN B 114 -28.72 -7.96 0.39
C ASN B 114 -28.25 -7.60 1.79
N ILE B 115 -27.25 -6.73 1.95
CA ILE B 115 -26.80 -6.41 3.31
C ILE B 115 -27.36 -5.13 3.93
N VAL B 116 -27.88 -4.22 3.11
CA VAL B 116 -28.46 -3.00 3.65
C VAL B 116 -29.87 -2.77 3.09
N ASP B 117 -30.66 -1.99 3.81
CA ASP B 117 -32.03 -1.69 3.43
C ASP B 117 -32.16 -0.41 2.63
N LYS B 118 -31.12 0.41 2.66
CA LYS B 118 -31.13 1.68 1.97
C LYS B 118 -29.70 2.16 1.71
N LEU B 119 -29.48 2.74 0.54
CA LEU B 119 -28.17 3.24 0.19
C LEU B 119 -28.22 4.70 -0.25
N ILE B 120 -27.40 5.52 0.38
CA ILE B 120 -27.33 6.94 0.05
C ILE B 120 -25.92 7.27 -0.46
N THR B 121 -25.83 8.11 -1.49
CA THR B 121 -24.53 8.51 -2.00
C THR B 121 -24.64 9.96 -2.53
N ILE B 122 -23.51 10.65 -2.60
CA ILE B 122 -23.52 12.03 -3.06
C ILE B 122 -23.00 12.19 -4.48
N ASN B 123 -23.77 12.89 -5.30
CA ASN B 123 -23.43 13.14 -6.70
C ASN B 123 -22.80 11.98 -7.46
N PRO B 124 -23.60 10.96 -7.79
CA PRO B 124 -23.09 9.80 -8.53
C PRO B 124 -22.77 10.28 -9.93
N HIS B 125 -21.84 9.64 -10.60
CA HIS B 125 -21.52 10.07 -11.96
C HIS B 125 -22.65 9.65 -12.90
N GLU B 126 -23.15 8.44 -12.72
CA GLU B 126 -24.22 7.87 -13.54
C GLU B 126 -25.47 7.68 -12.69
N THR B 127 -26.52 8.44 -12.98
CA THR B 127 -27.75 8.31 -12.22
C THR B 127 -28.49 7.01 -12.46
N HIS B 128 -28.26 6.39 -13.61
CA HIS B 128 -28.95 5.14 -13.92
C HIS B 128 -28.49 3.90 -13.17
N ILE B 129 -27.34 3.96 -12.52
CA ILE B 129 -26.87 2.79 -11.79
C ILE B 129 -27.91 2.30 -10.78
N LYS B 130 -28.85 3.16 -10.39
CA LYS B 130 -29.88 2.79 -9.42
C LYS B 130 -30.77 1.65 -9.94
N ASP B 131 -30.84 1.50 -11.26
CA ASP B 131 -31.67 0.45 -11.84
C ASP B 131 -31.20 -0.95 -11.43
N PHE B 132 -29.95 -1.06 -10.99
CA PHE B 132 -29.40 -2.36 -10.58
C PHE B 132 -29.73 -2.70 -9.13
N PHE B 133 -30.20 -1.72 -8.36
CA PHE B 133 -30.51 -1.95 -6.96
C PHE B 133 -31.96 -2.38 -6.73
N THR B 134 -32.17 -3.21 -5.71
CA THR B 134 -33.52 -3.67 -5.38
C THR B 134 -33.87 -3.13 -4.00
N ILE B 135 -33.19 -2.07 -3.61
CA ILE B 135 -33.44 -1.40 -2.34
C ILE B 135 -33.42 0.06 -2.72
N PRO B 136 -33.93 0.94 -1.86
CA PRO B 136 -33.95 2.38 -2.14
C PRO B 136 -32.54 2.92 -2.38
N PHE B 137 -32.34 3.61 -3.50
CA PHE B 137 -31.05 4.19 -3.84
C PHE B 137 -31.22 5.70 -3.92
N ILE B 138 -30.85 6.38 -2.84
CA ILE B 138 -30.97 7.83 -2.76
C ILE B 138 -29.64 8.55 -3.01
N TYR B 139 -29.70 9.65 -3.75
CA TYR B 139 -28.50 10.44 -4.03
C TYR B 139 -28.75 11.92 -3.74
N GLY B 140 -27.82 12.53 -2.99
CA GLY B 140 -27.92 13.93 -2.65
C GLY B 140 -26.99 14.74 -3.54
N ASP B 141 -27.20 16.05 -3.61
CA ASP B 141 -26.38 16.93 -4.44
C ASP B 141 -25.62 17.93 -3.59
N ALA B 142 -24.31 17.97 -3.76
CA ALA B 142 -23.47 18.87 -2.98
C ALA B 142 -23.06 20.12 -3.75
N VAL B 143 -23.42 20.17 -5.04
CA VAL B 143 -23.08 21.33 -5.86
C VAL B 143 -23.54 22.65 -5.22
N PRO B 144 -24.76 22.68 -4.66
CA PRO B 144 -25.24 23.91 -4.03
C PRO B 144 -24.29 24.41 -2.94
N LYS B 145 -23.70 23.49 -2.20
CA LYS B 145 -22.75 23.84 -1.14
C LYS B 145 -21.45 24.39 -1.69
N LEU B 146 -21.07 23.90 -2.86
CA LEU B 146 -19.84 24.39 -3.47
C LEU B 146 -20.09 25.82 -3.95
N ALA B 147 -21.23 26.03 -4.58
CA ALA B 147 -21.63 27.33 -5.09
C ALA B 147 -21.61 28.34 -3.97
N GLU B 148 -22.22 27.97 -2.84
CA GLU B 148 -22.28 28.85 -1.67
C GLU B 148 -20.89 29.21 -1.13
N TYR B 149 -19.91 28.36 -1.40
CA TYR B 149 -18.55 28.60 -0.93
C TYR B 149 -17.81 29.63 -1.76
N VAL B 150 -18.14 29.72 -3.05
CA VAL B 150 -17.45 30.65 -3.93
C VAL B 150 -18.13 31.99 -4.22
N LYS B 151 -19.45 32.07 -4.06
CA LYS B 151 -20.17 33.34 -4.34
C LYS B 151 -19.55 34.46 -3.54
N ASP B 152 -18.89 34.03 -2.47
CA ASP B 152 -18.20 34.89 -1.55
C ASP B 152 -16.89 35.42 -2.15
N LYS B 153 -16.26 34.66 -3.05
CA LYS B 153 -14.98 35.07 -3.64
C LYS B 153 -14.83 35.17 -5.15
N LEU B 154 -15.93 35.40 -5.84
CA LEU B 154 -15.88 35.59 -7.29
C LEU B 154 -16.74 36.80 -7.64
N ASN B 155 -16.27 37.59 -8.61
CA ASN B 155 -16.97 38.79 -9.03
C ASN B 155 -17.77 38.57 -10.32
N ASP B 156 -19.10 38.48 -10.18
CA ASP B 156 -19.99 38.27 -11.32
C ASP B 156 -19.33 37.22 -12.24
N PRO B 157 -19.22 35.99 -11.75
CA PRO B 157 -18.60 34.92 -12.54
C PRO B 157 -19.51 34.24 -13.56
N ILE B 158 -18.86 33.51 -14.47
CA ILE B 158 -19.53 32.72 -15.49
C ILE B 158 -19.33 31.31 -14.96
N VAL B 159 -20.39 30.54 -14.84
CA VAL B 159 -20.24 29.18 -14.36
C VAL B 159 -20.09 28.23 -15.54
N LEU B 160 -18.95 27.55 -15.62
CA LEU B 160 -18.70 26.64 -16.71
C LEU B 160 -18.63 25.16 -16.37
N ALA B 161 -19.15 24.34 -17.27
CA ALA B 161 -19.07 22.89 -17.09
C ALA B 161 -17.92 22.49 -18.01
N PRO B 162 -16.95 21.67 -17.52
CA PRO B 162 -15.79 21.20 -18.29
C PRO B 162 -16.19 20.56 -19.63
N ASP B 163 -17.42 20.05 -19.69
CA ASP B 163 -17.96 19.44 -20.87
C ASP B 163 -19.48 19.39 -20.78
N LYS B 164 -20.14 19.05 -21.88
CA LYS B 164 -21.60 19.00 -21.89
C LYS B 164 -22.16 18.13 -20.77
N GLY B 165 -21.52 16.98 -20.52
CA GLY B 165 -21.98 16.08 -19.49
C GLY B 165 -22.25 16.72 -18.13
N ALA B 166 -21.45 17.71 -17.76
CA ALA B 166 -21.60 18.38 -16.45
C ALA B 166 -22.42 19.66 -16.51
N LEU B 167 -23.17 19.86 -17.58
CA LEU B 167 -23.96 21.08 -17.71
C LEU B 167 -24.93 21.31 -16.54
N GLU B 168 -25.50 20.24 -15.99
CA GLU B 168 -26.44 20.39 -14.89
C GLU B 168 -25.82 20.95 -13.62
N PHE B 169 -24.57 20.58 -13.37
CA PHE B 169 -23.89 21.07 -12.19
C PHE B 169 -23.73 22.58 -12.35
N ALA B 170 -23.33 22.98 -13.55
CA ALA B 170 -23.12 24.40 -13.85
C ALA B 170 -24.43 25.16 -13.67
N LYS B 171 -25.52 24.58 -14.17
CA LYS B 171 -26.83 25.21 -14.07
C LYS B 171 -27.24 25.37 -12.60
N THR B 172 -27.08 24.30 -11.83
CA THR B 172 -27.43 24.33 -10.41
C THR B 172 -26.67 25.44 -9.70
N ALA B 173 -25.35 25.43 -9.84
CA ALA B 173 -24.52 26.45 -9.22
C ALA B 173 -24.90 27.81 -9.75
N SER B 174 -25.16 27.85 -11.05
CA SER B 174 -25.52 29.08 -11.74
C SER B 174 -26.71 29.77 -11.08
N LYS B 175 -27.71 28.98 -10.74
CA LYS B 175 -28.91 29.54 -10.11
C LYS B 175 -28.57 30.19 -8.76
N ILE B 176 -27.78 29.48 -7.94
CA ILE B 176 -27.41 29.99 -6.62
C ILE B 176 -26.56 31.26 -6.67
N LEU B 177 -25.75 31.39 -7.72
CA LEU B 177 -24.89 32.56 -7.88
C LEU B 177 -25.55 33.67 -8.72
N ASN B 178 -26.72 33.41 -9.29
CA ASN B 178 -27.40 34.40 -10.13
C ASN B 178 -26.47 34.80 -11.27
N ALA B 179 -25.78 33.81 -11.83
CA ALA B 179 -24.84 34.03 -12.92
C ALA B 179 -25.27 33.27 -14.16
N GLU B 180 -24.59 33.52 -15.28
CA GLU B 180 -24.87 32.83 -16.54
C GLU B 180 -24.07 31.52 -16.49
N TYR B 181 -24.42 30.57 -17.35
CA TYR B 181 -23.69 29.32 -17.39
C TYR B 181 -23.61 28.75 -18.80
N ASP B 182 -22.60 27.93 -19.05
CA ASP B 182 -22.38 27.35 -20.36
C ASP B 182 -21.48 26.11 -20.15
N TYR B 183 -20.94 25.58 -21.24
CA TYR B 183 -20.08 24.42 -21.17
C TYR B 183 -19.12 24.40 -22.36
N LEU B 184 -17.89 23.95 -22.12
CA LEU B 184 -16.91 23.87 -23.20
C LEU B 184 -17.39 22.77 -24.15
N GLU B 185 -17.31 23.02 -25.46
CA GLU B 185 -17.75 22.02 -26.46
C GLU B 185 -16.61 21.19 -27.04
N ILE B 196 -12.19 23.44 -29.02
CA ILE B 196 -12.58 23.56 -27.61
C ILE B 196 -12.74 25.01 -27.17
N ALA B 197 -13.90 25.30 -26.57
CA ALA B 197 -14.25 26.63 -26.05
C ALA B 197 -15.71 26.62 -25.58
N PRO B 198 -16.10 27.65 -24.80
CA PRO B 198 -17.51 27.63 -24.36
C PRO B 198 -18.43 27.66 -25.58
N LYS B 199 -19.55 26.95 -25.49
CA LYS B 199 -20.50 26.87 -26.60
C LYS B 199 -21.07 28.22 -27.01
N THR B 200 -21.36 29.06 -26.01
CA THR B 200 -21.98 30.36 -26.27
C THR B 200 -21.32 31.57 -25.63
N LEU B 201 -21.05 31.47 -24.33
CA LEU B 201 -20.45 32.59 -23.59
C LEU B 201 -19.01 32.87 -23.97
N ASP B 202 -18.50 33.99 -23.45
CA ASP B 202 -17.13 34.41 -23.71
C ASP B 202 -16.50 34.84 -22.39
N ALA B 203 -15.33 34.29 -22.09
CA ALA B 203 -14.65 34.55 -20.82
C ALA B 203 -13.74 35.79 -20.77
N LYS B 204 -13.64 36.52 -21.88
CA LYS B 204 -12.81 37.71 -21.90
C LYS B 204 -13.18 38.62 -20.71
N ASP B 205 -12.18 38.96 -19.91
CA ASP B 205 -12.33 39.82 -18.72
C ASP B 205 -13.40 39.42 -17.72
N ARG B 206 -13.54 38.12 -17.47
CA ARG B 206 -14.54 37.64 -16.54
C ARG B 206 -14.05 36.59 -15.57
N ASP B 207 -14.64 36.58 -14.38
CA ASP B 207 -14.30 35.60 -13.35
C ASP B 207 -15.00 34.33 -13.76
N VAL B 208 -14.38 33.19 -13.45
CA VAL B 208 -14.95 31.91 -13.84
C VAL B 208 -15.02 30.85 -12.74
N PHE B 209 -16.17 30.18 -12.67
CA PHE B 209 -16.39 29.12 -11.71
C PHE B 209 -16.58 27.82 -12.51
N ILE B 210 -15.54 27.01 -12.58
CA ILE B 210 -15.62 25.74 -13.29
C ILE B 210 -16.07 24.71 -12.27
N VAL B 211 -17.14 23.99 -12.58
CA VAL B 211 -17.65 23.00 -11.66
C VAL B 211 -17.93 21.68 -12.33
N ASP B 212 -17.53 20.59 -11.67
CA ASP B 212 -17.74 19.26 -12.19
C ASP B 212 -17.98 18.34 -10.99
N ASP B 213 -18.31 17.08 -11.23
CA ASP B 213 -18.55 16.18 -10.11
C ASP B 213 -17.23 15.55 -9.66
N ILE B 214 -16.34 15.29 -10.61
CA ILE B 214 -15.05 14.70 -10.29
C ILE B 214 -13.87 15.33 -11.05
N ILE B 215 -12.72 15.30 -10.39
CA ILE B 215 -11.46 15.78 -10.94
C ILE B 215 -10.44 14.71 -10.50
N SER B 216 -10.10 13.81 -11.42
CA SER B 216 -9.15 12.72 -11.15
C SER B 216 -7.75 13.12 -11.54
N THR B 217 -7.50 12.97 -12.83
CA THR B 217 -6.24 13.27 -13.50
C THR B 217 -5.96 14.76 -13.59
N GLY B 218 -7.02 15.54 -13.83
CA GLY B 218 -6.87 16.97 -13.94
C GLY B 218 -6.74 17.48 -15.37
N GLY B 219 -6.55 16.58 -16.34
CA GLY B 219 -6.42 17.00 -17.74
C GLY B 219 -7.56 17.85 -18.26
N THR B 220 -8.77 17.31 -18.19
CA THR B 220 -9.96 18.03 -18.63
C THR B 220 -9.96 19.43 -18.01
N MET B 221 -9.73 19.46 -16.69
CA MET B 221 -9.68 20.72 -15.96
C MET B 221 -8.55 21.63 -16.39
N ALA B 222 -7.31 21.17 -16.22
CA ALA B 222 -6.13 21.96 -16.56
C ALA B 222 -6.24 22.54 -17.97
N THR B 223 -6.82 21.76 -18.85
CA THR B 223 -7.02 22.18 -20.24
C THR B 223 -7.95 23.39 -20.31
N ALA B 224 -9.13 23.24 -19.72
CA ALA B 224 -10.11 24.29 -19.69
C ALA B 224 -9.54 25.58 -19.12
N VAL B 225 -8.74 25.46 -18.05
CA VAL B 225 -8.14 26.62 -17.39
C VAL B 225 -7.14 27.35 -18.26
N LYS B 226 -6.23 26.61 -18.89
CA LYS B 226 -5.22 27.22 -19.75
C LYS B 226 -5.91 28.00 -20.86
N LEU B 227 -6.90 27.39 -21.51
CA LEU B 227 -7.64 28.04 -22.58
C LEU B 227 -8.33 29.30 -22.07
N LEU B 228 -9.18 29.13 -21.07
CA LEU B 228 -9.90 30.26 -20.48
C LEU B 228 -8.96 31.42 -20.16
N LYS B 229 -7.79 31.11 -19.63
CA LYS B 229 -6.82 32.15 -19.31
C LYS B 229 -6.44 32.88 -20.59
N GLU B 230 -6.32 32.12 -21.66
CA GLU B 230 -5.96 32.68 -22.95
C GLU B 230 -7.05 33.54 -23.54
N GLN B 231 -8.30 33.22 -23.19
CA GLN B 231 -9.44 33.98 -23.67
C GLN B 231 -9.64 35.19 -22.75
N GLY B 232 -8.63 35.47 -21.94
CA GLY B 232 -8.68 36.60 -21.04
C GLY B 232 -9.55 36.42 -19.81
N ALA B 233 -9.60 35.21 -19.26
CA ALA B 233 -10.41 34.99 -18.06
C ALA B 233 -9.65 35.60 -16.90
N LYS B 234 -10.38 36.09 -15.91
CA LYS B 234 -9.73 36.68 -14.76
C LYS B 234 -9.53 35.64 -13.65
N LYS B 235 -10.18 35.82 -12.50
CA LYS B 235 -10.04 34.87 -11.41
C LYS B 235 -10.84 33.60 -11.70
N ILE B 236 -10.16 32.46 -11.67
CA ILE B 236 -10.79 31.16 -11.94
C ILE B 236 -10.75 30.23 -10.73
N ILE B 237 -11.92 29.74 -10.33
CA ILE B 237 -12.01 28.78 -9.24
C ILE B 237 -12.60 27.49 -9.77
N ALA B 238 -11.93 26.38 -9.46
CA ALA B 238 -12.38 25.07 -9.90
C ALA B 238 -12.89 24.28 -8.70
N ALA B 239 -14.13 23.83 -8.80
CA ALA B 239 -14.75 23.05 -7.74
C ALA B 239 -15.25 21.70 -8.24
N CYS B 240 -15.22 20.71 -7.37
CA CYS B 240 -15.69 19.38 -7.70
C CYS B 240 -16.25 18.77 -6.43
N VAL B 241 -17.12 17.77 -6.56
CA VAL B 241 -17.68 17.15 -5.38
C VAL B 241 -16.67 16.13 -4.85
N HIS B 242 -16.15 15.30 -5.74
CA HIS B 242 -15.20 14.28 -5.35
C HIS B 242 -13.79 14.63 -5.80
N PRO B 243 -13.00 15.25 -4.91
CA PRO B 243 -11.63 15.65 -5.21
C PRO B 243 -10.64 14.50 -5.19
N VAL B 244 -10.76 13.60 -6.16
CA VAL B 244 -9.90 12.45 -6.24
C VAL B 244 -8.46 12.89 -6.43
N LEU B 245 -8.28 13.94 -7.22
CA LEU B 245 -6.98 14.55 -7.49
C LEU B 245 -5.77 13.62 -7.40
N ILE B 246 -5.65 12.75 -8.39
CA ILE B 246 -4.58 11.78 -8.45
C ILE B 246 -3.23 12.36 -8.80
N GLY B 247 -2.20 11.84 -8.15
CA GLY B 247 -0.85 12.29 -8.43
C GLY B 247 -0.58 13.78 -8.33
N ASP B 248 -0.11 14.36 -9.42
CA ASP B 248 0.21 15.79 -9.44
C ASP B 248 -0.93 16.65 -9.97
N ALA B 249 -2.15 16.13 -9.90
CA ALA B 249 -3.32 16.84 -10.39
C ALA B 249 -3.40 18.28 -9.90
N LEU B 250 -3.26 18.49 -8.59
CA LEU B 250 -3.33 19.84 -8.04
C LEU B 250 -2.28 20.79 -8.59
N ASN B 251 -1.05 20.32 -8.72
CA ASN B 251 0.02 21.16 -9.24
C ASN B 251 -0.28 21.53 -10.69
N LYS B 252 -0.87 20.59 -11.41
CA LYS B 252 -1.24 20.76 -12.80
C LYS B 252 -2.23 21.92 -12.93
N LEU B 253 -3.26 21.91 -12.10
CA LEU B 253 -4.28 22.95 -12.12
C LEU B 253 -3.74 24.32 -11.69
N TYR B 254 -2.98 24.35 -10.61
CA TYR B 254 -2.39 25.58 -10.10
C TYR B 254 -1.49 26.23 -11.15
N SER B 255 -0.73 25.41 -11.87
CA SER B 255 0.16 25.92 -12.90
C SER B 255 -0.64 26.47 -14.06
N ALA B 256 -1.73 25.80 -14.40
CA ALA B 256 -2.57 26.24 -15.50
C ALA B 256 -3.08 27.64 -15.13
N GLY B 257 -3.02 27.96 -13.85
CA GLY B 257 -3.45 29.26 -13.38
C GLY B 257 -4.72 29.39 -12.57
N VAL B 258 -5.24 28.31 -11.97
CA VAL B 258 -6.46 28.48 -11.18
C VAL B 258 -6.18 29.23 -9.89
N GLU B 259 -7.16 30.02 -9.46
CA GLU B 259 -7.05 30.81 -8.26
C GLU B 259 -7.18 29.92 -7.05
N GLU B 260 -7.98 28.87 -7.19
CA GLU B 260 -8.20 27.93 -6.11
C GLU B 260 -8.98 26.70 -6.56
N VAL B 261 -8.71 25.57 -5.92
CA VAL B 261 -9.41 24.33 -6.19
C VAL B 261 -10.08 23.96 -4.88
N VAL B 262 -11.35 23.59 -4.93
CA VAL B 262 -12.07 23.23 -3.72
C VAL B 262 -12.93 22.00 -3.95
N GLY B 263 -12.96 21.13 -2.95
CA GLY B 263 -13.74 19.91 -3.03
C GLY B 263 -14.51 19.71 -1.74
N THR B 264 -15.20 18.58 -1.63
CA THR B 264 -15.96 18.28 -0.42
C THR B 264 -15.28 17.15 0.35
N ASP B 265 -15.87 16.79 1.49
CA ASP B 265 -15.30 15.75 2.32
C ASP B 265 -15.86 14.35 2.03
N THR B 266 -16.27 14.10 0.78
CA THR B 266 -16.77 12.77 0.41
C THR B 266 -15.53 11.92 0.13
N TYR B 267 -14.46 12.59 -0.27
CA TYR B 267 -13.21 11.94 -0.63
C TYR B 267 -12.10 12.85 -0.10
N LEU B 268 -11.29 12.31 0.81
CA LEU B 268 -10.21 13.08 1.42
C LEU B 268 -9.11 13.59 0.48
N SER B 269 -8.92 14.91 0.49
CA SER B 269 -7.89 15.56 -0.32
C SER B 269 -7.37 16.76 0.45
N GLU B 270 -6.34 17.40 -0.09
CA GLU B 270 -5.77 18.59 0.54
C GLU B 270 -6.70 19.78 0.40
N VAL B 271 -7.78 19.62 -0.36
CA VAL B 271 -8.73 20.72 -0.54
C VAL B 271 -10.19 20.37 -0.21
N SER B 272 -10.39 19.35 0.61
CA SER B 272 -11.74 18.94 1.02
C SER B 272 -12.24 19.95 2.05
N LYS B 273 -12.57 21.16 1.59
CA LYS B 273 -13.04 22.25 2.44
C LYS B 273 -14.53 22.25 2.76
N VAL B 274 -15.36 21.87 1.80
CA VAL B 274 -16.79 21.89 2.00
C VAL B 274 -17.31 20.57 2.54
N SER B 275 -18.22 20.62 3.50
CA SER B 275 -18.79 19.42 4.08
C SER B 275 -20.14 19.04 3.47
N VAL B 276 -20.42 17.74 3.43
CA VAL B 276 -21.68 17.25 2.89
C VAL B 276 -22.56 16.72 4.02
N ALA B 277 -22.15 17.01 5.25
CA ALA B 277 -22.90 16.57 6.42
C ALA B 277 -24.37 16.96 6.35
N GLU B 278 -24.64 18.25 6.13
CA GLU B 278 -26.02 18.73 6.05
C GLU B 278 -26.76 18.06 4.92
N VAL B 279 -26.08 17.87 3.79
CA VAL B 279 -26.69 17.24 2.63
C VAL B 279 -27.14 15.82 2.97
N ILE B 280 -26.32 15.12 3.75
CA ILE B 280 -26.62 13.76 4.16
C ILE B 280 -27.76 13.75 5.18
N VAL B 281 -27.70 14.67 6.15
CA VAL B 281 -28.73 14.75 7.17
C VAL B 281 -30.12 14.92 6.56
N ASP B 282 -30.22 15.64 5.45
CA ASP B 282 -31.52 15.85 4.81
C ASP B 282 -32.06 14.62 4.10
N LEU B 283 -31.19 13.69 3.76
CA LEU B 283 -31.61 12.49 3.06
C LEU B 283 -31.96 11.36 4.03
N LEU B 284 -31.72 11.61 5.31
CA LEU B 284 -32.00 10.61 6.35
C LEU B 284 -33.45 10.66 6.83
N MET C 1 13.17 33.36 -5.72
CA MET C 1 13.12 31.95 -5.21
C MET C 1 11.90 31.25 -5.78
N ILE C 2 12.13 30.18 -6.54
CA ILE C 2 11.02 29.41 -7.11
C ILE C 2 10.56 28.39 -6.06
N VAL C 3 9.26 28.10 -6.04
CA VAL C 3 8.70 27.13 -5.12
C VAL C 3 8.51 25.81 -5.85
N VAL C 4 9.14 24.76 -5.33
CA VAL C 4 9.03 23.44 -5.95
C VAL C 4 8.11 22.53 -5.13
N SER C 5 6.98 22.13 -5.73
CA SER C 5 6.01 21.28 -5.07
C SER C 5 6.42 19.83 -4.97
N GLY C 6 6.30 19.28 -3.78
CA GLY C 6 6.57 17.88 -3.57
C GLY C 6 5.21 17.27 -3.80
N SER C 7 5.14 15.98 -4.08
CA SER C 7 3.84 15.35 -4.32
C SER C 7 2.94 15.32 -3.10
N GLN C 8 3.51 15.46 -1.91
CA GLN C 8 2.71 15.40 -0.70
C GLN C 8 2.25 16.73 -0.10
N SER C 9 2.71 17.85 -0.65
CA SER C 9 2.34 19.18 -0.16
C SER C 9 1.96 20.11 -1.31
N GLN C 10 1.18 19.60 -2.25
CA GLN C 10 0.79 20.41 -3.40
C GLN C 10 -0.04 21.64 -3.08
N ASN C 11 -0.93 21.53 -2.10
CA ASN C 11 -1.74 22.67 -1.73
C ASN C 11 -0.94 23.65 -0.88
N LEU C 12 -0.15 23.14 0.04
CA LEU C 12 0.64 23.98 0.91
C LEU C 12 1.67 24.79 0.11
N ALA C 13 2.30 24.14 -0.86
CA ALA C 13 3.29 24.79 -1.69
C ALA C 13 2.65 25.93 -2.48
N PHE C 14 1.44 25.68 -2.94
CA PHE C 14 0.66 26.65 -3.70
C PHE C 14 0.35 27.88 -2.83
N LYS C 15 -0.14 27.62 -1.62
CA LYS C 15 -0.49 28.68 -0.68
C LYS C 15 0.75 29.52 -0.33
N VAL C 16 1.89 28.86 -0.17
CA VAL C 16 3.13 29.55 0.16
C VAL C 16 3.58 30.42 -1.00
N ALA C 17 3.59 29.85 -2.19
CA ALA C 17 4.00 30.57 -3.38
C ALA C 17 3.14 31.82 -3.56
N LYS C 18 1.85 31.68 -3.30
CA LYS C 18 0.88 32.77 -3.42
C LYS C 18 1.26 33.87 -2.45
N LEU C 19 1.60 33.49 -1.23
CA LEU C 19 2.01 34.47 -0.23
C LEU C 19 3.33 35.14 -0.63
N LEU C 20 4.26 34.36 -1.18
CA LEU C 20 5.54 34.90 -1.63
C LEU C 20 5.34 35.59 -2.98
N ASN C 21 4.11 35.60 -3.47
CA ASN C 21 3.80 36.21 -4.75
C ASN C 21 4.78 35.71 -5.83
N THR C 22 5.01 34.39 -5.83
CA THR C 22 5.90 33.76 -6.81
C THR C 22 5.12 32.81 -7.71
N LYS C 23 5.58 32.68 -8.95
CA LYS C 23 4.95 31.78 -9.91
C LYS C 23 5.26 30.36 -9.44
N LEU C 24 4.23 29.53 -9.31
CA LEU C 24 4.41 28.17 -8.85
C LEU C 24 4.96 27.29 -9.97
N THR C 25 6.15 26.75 -9.77
CA THR C 25 6.79 25.87 -10.75
C THR C 25 6.02 24.57 -10.99
N ARG C 26 5.83 24.21 -12.25
CA ARG C 26 5.13 22.99 -12.60
C ARG C 26 6.08 21.80 -12.41
N VAL C 27 5.73 20.89 -11.50
CA VAL C 27 6.55 19.73 -11.25
C VAL C 27 5.81 18.46 -11.57
N GLU C 28 6.34 17.72 -12.53
CA GLU C 28 5.71 16.47 -12.94
C GLU C 28 6.02 15.36 -11.93
N TYR C 29 4.98 14.64 -11.51
CA TYR C 29 5.14 13.54 -10.58
C TYR C 29 4.25 12.36 -11.00
N LYS C 30 4.84 11.18 -11.06
CA LYS C 30 4.10 9.98 -11.41
C LYS C 30 4.86 8.73 -10.97
N ARG C 31 4.26 7.57 -11.18
CA ARG C 31 4.87 6.31 -10.81
C ARG C 31 5.02 5.43 -12.03
N PHE C 32 6.15 4.76 -12.16
CA PHE C 32 6.33 3.85 -13.28
C PHE C 32 5.50 2.61 -12.93
N PRO C 33 5.35 1.68 -13.87
CA PRO C 33 4.58 0.48 -13.55
C PRO C 33 5.20 -0.18 -12.32
N ASP C 34 6.52 -0.03 -12.18
CA ASP C 34 7.33 -0.53 -11.06
C ASP C 34 6.76 -0.04 -9.74
N ASN C 35 6.36 1.23 -9.79
CA ASN C 35 5.84 1.99 -8.68
C ASN C 35 7.01 2.87 -8.21
N GLU C 36 8.05 2.95 -9.04
CA GLU C 36 9.19 3.81 -8.74
C GLU C 36 8.75 5.23 -9.01
N ILE C 37 9.29 6.17 -8.25
CA ILE C 37 8.95 7.57 -8.40
C ILE C 37 9.61 8.22 -9.61
N TYR C 38 8.84 9.06 -10.31
CA TYR C 38 9.34 9.81 -11.43
C TYR C 38 9.04 11.27 -11.17
N VAL C 39 10.07 12.10 -11.14
CA VAL C 39 9.85 13.52 -10.95
C VAL C 39 10.42 14.30 -12.11
N ARG C 40 9.90 15.50 -12.34
CA ARG C 40 10.39 16.34 -13.41
C ARG C 40 9.99 17.80 -13.32
N ILE C 41 11.00 18.66 -13.27
CA ILE C 41 10.79 20.11 -13.22
C ILE C 41 10.43 20.47 -14.64
N VAL C 42 9.15 20.73 -14.89
CA VAL C 42 8.69 21.08 -16.22
C VAL C 42 9.06 22.49 -16.65
N ASP C 43 8.65 23.49 -15.87
CA ASP C 43 8.98 24.87 -16.20
C ASP C 43 10.49 25.04 -16.25
N GLU C 44 10.94 26.03 -17.01
CA GLU C 44 12.37 26.30 -17.11
C GLU C 44 12.81 27.09 -15.90
N ILE C 45 13.97 26.72 -15.36
CA ILE C 45 14.48 27.38 -14.17
C ILE C 45 15.65 28.31 -14.45
N ASN C 46 15.40 29.59 -14.22
CA ASN C 46 16.39 30.64 -14.40
C ASN C 46 16.99 30.90 -13.01
N ASP C 47 16.14 31.26 -12.06
CA ASP C 47 16.54 31.53 -10.68
C ASP C 47 17.44 30.38 -10.19
N ASP C 48 18.32 30.65 -9.23
CA ASP C 48 19.20 29.59 -8.73
C ASP C 48 19.01 29.28 -7.24
N GLU C 49 17.80 29.59 -6.75
CA GLU C 49 17.41 29.33 -5.37
C GLU C 49 15.99 28.78 -5.36
N ALA C 50 15.85 27.52 -4.94
CA ALA C 50 14.55 26.89 -4.91
C ALA C 50 14.19 26.46 -3.50
N VAL C 51 12.89 26.33 -3.27
CA VAL C 51 12.38 25.88 -2.00
C VAL C 51 11.50 24.68 -2.25
N ILE C 52 11.90 23.52 -1.74
CA ILE C 52 11.11 22.30 -1.89
C ILE C 52 10.18 22.21 -0.69
N ILE C 53 8.90 22.06 -0.95
CA ILE C 53 7.93 21.93 0.13
C ILE C 53 7.29 20.56 -0.03
N ASN C 54 7.74 19.61 0.79
CA ASN C 54 7.24 18.26 0.72
C ASN C 54 7.20 17.62 2.10
N THR C 55 6.00 17.50 2.66
CA THR C 55 5.84 16.90 3.98
C THR C 55 6.02 15.38 3.87
N GLN C 56 6.22 14.71 4.99
CA GLN C 56 6.47 13.28 4.97
C GLN C 56 5.46 12.32 5.62
N LYS C 57 4.18 12.44 5.26
CA LYS C 57 3.17 11.55 5.81
C LYS C 57 3.54 10.13 5.36
N ASN C 58 3.85 9.98 4.09
CA ASN C 58 4.30 8.69 3.58
C ASN C 58 5.80 8.88 3.61
N GLN C 59 6.36 8.53 4.76
CA GLN C 59 7.77 8.70 5.07
C GLN C 59 8.84 8.37 4.04
N ASN C 60 8.99 7.09 3.73
CA ASN C 60 10.01 6.68 2.77
C ASN C 60 9.83 7.24 1.38
N ASP C 61 8.59 7.51 0.98
CA ASP C 61 8.34 8.06 -0.34
C ASP C 61 8.84 9.49 -0.40
N ALA C 62 8.60 10.23 0.67
CA ALA C 62 9.00 11.63 0.78
C ALA C 62 10.50 11.79 0.75
N ILE C 63 11.19 10.88 1.41
CA ILE C 63 12.64 10.89 1.47
C ILE C 63 13.23 10.65 0.10
N VAL C 64 12.77 9.62 -0.59
CA VAL C 64 13.29 9.33 -1.91
C VAL C 64 12.92 10.41 -2.93
N GLU C 65 11.67 10.86 -2.89
CA GLU C 65 11.23 11.89 -3.82
C GLU C 65 12.06 13.17 -3.65
N THR C 66 12.38 13.49 -2.40
CA THR C 66 13.17 14.68 -2.10
C THR C 66 14.59 14.53 -2.66
N ILE C 67 15.18 13.35 -2.47
CA ILE C 67 16.52 13.05 -2.97
C ILE C 67 16.57 13.24 -4.48
N LEU C 68 15.57 12.69 -5.19
CA LEU C 68 15.48 12.79 -6.63
C LEU C 68 15.28 14.24 -7.09
N LEU C 69 14.43 14.99 -6.40
CA LEU C 69 14.18 16.39 -6.76
C LEU C 69 15.43 17.26 -6.61
N CYS C 70 16.23 17.00 -5.58
CA CYS C 70 17.44 17.78 -5.36
C CYS C 70 18.42 17.54 -6.50
N ASP C 71 18.53 16.29 -6.92
CA ASP C 71 19.42 15.94 -8.01
C ASP C 71 18.95 16.68 -9.26
N ALA C 72 17.64 16.68 -9.51
CA ALA C 72 17.07 17.34 -10.67
C ALA C 72 17.32 18.85 -10.66
N LEU C 73 17.21 19.46 -9.49
CA LEU C 73 17.43 20.89 -9.37
C LEU C 73 18.89 21.27 -9.57
N ARG C 74 19.81 20.53 -8.93
CA ARG C 74 21.23 20.82 -9.06
C ARG C 74 21.66 20.71 -10.51
N ASP C 75 21.19 19.64 -11.16
CA ASP C 75 21.53 19.37 -12.56
C ASP C 75 20.89 20.41 -13.46
N GLU C 76 20.31 21.44 -12.87
CA GLU C 76 19.68 22.47 -13.66
C GLU C 76 20.13 23.86 -13.25
N GLY C 77 21.22 23.92 -12.51
CA GLY C 77 21.77 25.20 -12.12
C GLY C 77 21.50 25.72 -10.71
N VAL C 78 20.45 25.23 -10.05
CA VAL C 78 20.13 25.71 -8.69
C VAL C 78 21.31 25.64 -7.71
N LYS C 79 21.70 26.80 -7.16
CA LYS C 79 22.82 26.87 -6.22
C LYS C 79 22.44 26.63 -4.77
N LYS C 80 21.24 27.07 -4.39
CA LYS C 80 20.76 26.89 -3.02
C LYS C 80 19.38 26.22 -2.98
N ILE C 81 19.27 25.14 -2.23
CA ILE C 81 18.00 24.43 -2.09
C ILE C 81 17.61 24.40 -0.63
N THR C 82 16.41 24.92 -0.34
CA THR C 82 15.91 24.90 1.02
C THR C 82 14.79 23.86 1.05
N LEU C 83 14.85 22.94 2.00
CA LEU C 83 13.80 21.93 2.12
C LEU C 83 12.84 22.23 3.26
N VAL C 84 11.56 22.33 2.92
CA VAL C 84 10.53 22.55 3.92
C VAL C 84 9.74 21.25 4.03
N ALA C 85 9.92 20.58 5.16
CA ALA C 85 9.22 19.34 5.45
C ALA C 85 8.33 19.63 6.66
N PRO C 86 7.12 20.17 6.43
CA PRO C 86 6.15 20.52 7.50
C PRO C 86 6.16 19.46 8.59
N TYR C 87 5.91 18.21 8.19
CA TYR C 87 5.98 17.10 9.12
C TYR C 87 7.25 16.34 8.73
N LEU C 88 8.19 16.23 9.67
CA LEU C 88 9.43 15.52 9.41
C LEU C 88 9.34 14.15 10.07
N ALA C 89 9.51 13.11 9.26
CA ALA C 89 9.45 11.73 9.74
C ALA C 89 10.79 11.25 10.31
N TYR C 90 10.73 10.13 11.02
CA TYR C 90 11.90 9.51 11.65
C TYR C 90 12.67 10.44 12.58
N ALA C 91 12.00 11.47 13.07
CA ALA C 91 12.66 12.43 13.95
C ALA C 91 12.09 12.44 15.35
N ARG C 92 11.33 11.41 15.70
CA ARG C 92 10.74 11.36 17.01
C ARG C 92 11.73 11.17 18.15
N GLN C 93 12.77 10.36 17.93
CA GLN C 93 13.72 10.11 18.99
C GLN C 93 15.09 10.77 18.88
N ASP C 94 15.69 10.98 20.05
CA ASP C 94 16.99 11.63 20.23
C ASP C 94 18.13 10.63 20.27
N LYS C 95 17.85 9.42 20.73
CA LYS C 95 18.88 8.40 20.86
C LYS C 95 18.34 6.98 20.85
N LYS C 96 19.21 6.03 21.20
CA LYS C 96 18.82 4.63 21.23
C LYS C 96 18.17 4.28 22.55
N PHE C 97 17.18 3.39 22.49
CA PHE C 97 16.49 2.93 23.68
C PHE C 97 16.84 1.46 23.88
N ASN C 98 17.76 0.96 23.06
CA ASN C 98 18.20 -0.44 23.13
C ASN C 98 19.44 -0.59 22.31
N PRO C 99 20.34 -1.48 22.73
CA PRO C 99 21.58 -1.69 21.97
C PRO C 99 21.20 -2.31 20.63
N GLY C 100 21.98 -2.07 19.59
CA GLY C 100 21.68 -2.63 18.28
C GLY C 100 20.71 -1.79 17.47
N GLU C 101 20.19 -0.72 18.08
CA GLU C 101 19.27 0.16 17.39
C GLU C 101 20.02 1.23 16.61
N ALA C 102 19.28 1.98 15.82
CA ALA C 102 19.82 3.04 15.04
C ALA C 102 19.20 4.33 15.55
N ILE C 103 19.80 5.45 15.20
CA ILE C 103 19.23 6.74 15.55
C ILE C 103 18.87 7.25 14.16
N SER C 104 17.63 6.95 13.75
CA SER C 104 17.11 7.30 12.43
C SER C 104 17.30 8.75 11.96
N ILE C 105 17.01 9.71 12.83
CA ILE C 105 17.18 11.11 12.45
C ILE C 105 18.66 11.44 12.23
N ARG C 106 19.54 10.74 12.94
CA ARG C 106 20.97 10.94 12.81
C ARG C 106 21.41 10.53 11.39
N ALA C 107 20.96 9.35 10.98
CA ALA C 107 21.30 8.81 9.66
C ALA C 107 20.75 9.69 8.54
N LEU C 108 19.53 10.17 8.71
CA LEU C 108 18.91 11.00 7.69
C LEU C 108 19.46 12.43 7.66
N ALA C 109 19.83 12.95 8.83
CA ALA C 109 20.39 14.29 8.92
C ALA C 109 21.64 14.36 8.03
N LYS C 110 22.39 13.25 8.01
CA LYS C 110 23.60 13.17 7.20
C LYS C 110 23.28 13.34 5.72
N ILE C 111 22.20 12.70 5.29
CA ILE C 111 21.80 12.81 3.90
C ILE C 111 21.27 14.22 3.62
N TYR C 112 20.46 14.76 4.53
CA TYR C 112 19.90 16.10 4.35
C TYR C 112 20.98 17.17 4.25
N SER C 113 21.98 17.08 5.13
CA SER C 113 23.08 18.02 5.17
C SER C 113 23.90 17.99 3.89
N ASN C 114 23.76 16.92 3.13
CA ASN C 114 24.48 16.76 1.88
C ASN C 114 23.64 17.18 0.68
N ILE C 115 22.33 17.00 0.71
CA ILE C 115 21.54 17.38 -0.47
C ILE C 115 20.85 18.75 -0.43
N VAL C 116 20.69 19.32 0.76
CA VAL C 116 20.08 20.65 0.86
C VAL C 116 20.93 21.56 1.72
N ASP C 117 20.75 22.87 1.54
CA ASP C 117 21.52 23.87 2.26
C ASP C 117 20.80 24.36 3.52
N LYS C 118 19.51 24.07 3.60
CA LYS C 118 18.72 24.50 4.74
C LYS C 118 17.48 23.63 4.89
N LEU C 119 17.13 23.33 6.13
CA LEU C 119 15.97 22.49 6.40
C LEU C 119 15.02 23.17 7.38
N ILE C 120 13.75 23.28 6.99
CA ILE C 120 12.72 23.88 7.84
C ILE C 120 11.63 22.84 8.15
N THR C 121 11.18 22.82 9.39
CA THR C 121 10.13 21.89 9.77
C THR C 121 9.24 22.56 10.82
N ILE C 122 8.01 22.09 10.96
CA ILE C 122 7.09 22.68 11.92
C ILE C 122 6.90 21.81 13.16
N ASN C 123 7.04 22.43 14.33
CA ASN C 123 6.89 21.77 15.62
C ASN C 123 7.47 20.36 15.74
N PRO C 124 8.82 20.25 15.76
CA PRO C 124 9.46 18.94 15.88
C PRO C 124 9.16 18.42 17.27
N HIS C 125 9.14 17.11 17.45
CA HIS C 125 8.87 16.57 18.76
C HIS C 125 10.07 16.81 19.66
N GLU C 126 11.26 16.57 19.11
CA GLU C 126 12.52 16.71 19.83
C GLU C 126 13.33 17.85 19.22
N THR C 127 13.51 18.93 19.98
CA THR C 127 14.27 20.08 19.46
C THR C 127 15.76 19.78 19.30
N HIS C 128 16.27 18.80 20.04
CA HIS C 128 17.70 18.49 19.98
C HIS C 128 18.16 17.75 18.72
N ILE C 129 17.24 17.22 17.94
CA ILE C 129 17.64 16.51 16.72
C ILE C 129 18.48 17.40 15.82
N LYS C 130 18.40 18.72 16.01
CA LYS C 130 19.18 19.66 15.19
C LYS C 130 20.69 19.47 15.36
N ASP C 131 21.09 18.88 16.49
CA ASP C 131 22.51 18.68 16.76
C ASP C 131 23.16 17.75 15.75
N PHE C 132 22.34 16.95 15.07
CA PHE C 132 22.83 16.00 14.08
C PHE C 132 23.04 16.64 12.70
N PHE C 133 22.48 17.82 12.50
CA PHE C 133 22.60 18.50 11.21
C PHE C 133 23.81 19.42 11.10
N THR C 134 24.40 19.49 9.92
CA THR C 134 25.55 20.35 9.68
C THR C 134 25.15 21.45 8.71
N ILE C 135 23.85 21.70 8.64
CA ILE C 135 23.28 22.76 7.83
C ILE C 135 22.26 23.41 8.75
N PRO C 136 21.80 24.61 8.41
CA PRO C 136 20.82 25.31 9.24
C PRO C 136 19.55 24.48 9.40
N PHE C 137 19.12 24.29 10.65
CA PHE C 137 17.91 23.53 10.94
C PHE C 137 16.93 24.48 11.65
N ILE C 138 15.98 24.99 10.88
CA ILE C 138 14.99 25.92 11.39
C ILE C 138 13.65 25.25 11.65
N TYR C 139 13.01 25.60 12.75
CA TYR C 139 11.71 25.05 13.09
C TYR C 139 10.73 26.16 13.47
N GLY C 140 9.54 26.11 12.89
CA GLY C 140 8.52 27.11 13.18
C GLY C 140 7.48 26.52 14.12
N ASP C 141 6.67 27.39 14.73
CA ASP C 141 5.64 26.94 15.65
C ASP C 141 4.25 27.28 15.14
N ALA C 142 3.39 26.27 15.05
CA ALA C 142 2.05 26.46 14.55
C ALA C 142 1.00 26.53 15.67
N VAL C 143 1.43 26.33 16.91
CA VAL C 143 0.52 26.38 18.05
C VAL C 143 -0.25 27.71 18.08
N PRO C 144 0.42 28.83 17.83
CA PRO C 144 -0.28 30.12 17.85
C PRO C 144 -1.48 30.15 16.89
N LYS C 145 -1.33 29.49 15.74
CA LYS C 145 -2.39 29.44 14.74
C LYS C 145 -3.55 28.56 15.24
N LEU C 146 -3.24 27.54 16.02
CA LEU C 146 -4.28 26.67 16.53
C LEU C 146 -5.07 27.44 17.57
N ALA C 147 -4.34 28.14 18.43
CA ALA C 147 -4.96 28.95 19.48
C ALA C 147 -5.93 29.96 18.87
N GLU C 148 -5.47 30.64 17.82
CA GLU C 148 -6.29 31.63 17.14
C GLU C 148 -7.56 31.04 16.54
N TYR C 149 -7.53 29.75 16.24
CA TYR C 149 -8.69 29.08 15.65
C TYR C 149 -9.79 28.76 16.68
N VAL C 150 -9.39 28.56 17.93
CA VAL C 150 -10.35 28.22 18.97
C VAL C 150 -10.83 29.33 19.90
N LYS C 151 -10.05 30.42 20.04
CA LYS C 151 -10.45 31.52 20.93
C LYS C 151 -11.83 31.99 20.52
N ASP C 152 -12.13 31.71 19.26
CA ASP C 152 -13.39 32.06 18.64
C ASP C 152 -14.54 31.16 19.14
N LYS C 153 -14.24 29.91 19.52
CA LYS C 153 -15.29 29.00 19.97
C LYS C 153 -15.19 28.33 21.35
N LEU C 154 -14.50 28.99 22.28
CA LEU C 154 -14.39 28.47 23.63
C LEU C 154 -14.64 29.62 24.59
N ASN C 155 -15.34 29.34 25.68
CA ASN C 155 -15.68 30.36 26.68
C ASN C 155 -14.75 30.32 27.90
N ASP C 156 -13.85 31.29 27.98
CA ASP C 156 -12.90 31.37 29.09
C ASP C 156 -12.39 29.96 29.39
N PRO C 157 -11.67 29.34 28.43
CA PRO C 157 -11.14 27.98 28.60
C PRO C 157 -9.86 27.87 29.41
N ILE C 158 -9.57 26.64 29.83
CA ILE C 158 -8.36 26.28 30.55
C ILE C 158 -7.55 25.56 29.48
N VAL C 159 -6.30 25.94 29.29
CA VAL C 159 -5.49 25.27 28.27
C VAL C 159 -4.68 24.17 28.93
N LEU C 160 -4.92 22.94 28.50
CA LEU C 160 -4.21 21.80 29.08
C LEU C 160 -3.25 21.07 28.16
N ALA C 161 -2.14 20.62 28.74
CA ALA C 161 -1.17 19.83 28.00
C ALA C 161 -1.46 18.38 28.44
N PRO C 162 -1.60 17.45 27.49
CA PRO C 162 -1.89 16.04 27.80
C PRO C 162 -0.92 15.43 28.81
N ASP C 163 0.27 16.03 28.90
CA ASP C 163 1.31 15.61 29.82
C ASP C 163 2.32 16.74 30.01
N LYS C 164 3.23 16.58 30.97
CA LYS C 164 4.22 17.62 31.25
C LYS C 164 5.01 17.99 29.99
N GLY C 165 5.37 16.98 29.20
CA GLY C 165 6.13 17.20 27.98
C GLY C 165 5.61 18.29 27.06
N ALA C 166 4.29 18.43 26.98
CA ALA C 166 3.67 19.43 26.12
C ALA C 166 3.29 20.72 26.83
N LEU C 167 3.83 20.96 28.03
CA LEU C 167 3.48 22.16 28.76
C LEU C 167 3.72 23.45 27.99
N GLU C 168 4.78 23.50 27.18
CA GLU C 168 5.07 24.71 26.42
C GLU C 168 4.02 25.09 25.38
N PHE C 169 3.42 24.07 24.77
CA PHE C 169 2.39 24.31 23.78
C PHE C 169 1.23 24.96 24.51
N ALA C 170 0.87 24.39 25.66
CA ALA C 170 -0.23 24.92 26.45
C ALA C 170 0.06 26.35 26.86
N LYS C 171 1.29 26.63 27.29
CA LYS C 171 1.66 27.99 27.69
C LYS C 171 1.55 28.96 26.50
N THR C 172 2.10 28.56 25.35
CA THR C 172 2.03 29.39 24.15
C THR C 172 0.59 29.74 23.82
N ALA C 173 -0.24 28.73 23.69
CA ALA C 173 -1.65 28.95 23.36
C ALA C 173 -2.28 29.77 24.46
N SER C 174 -1.90 29.46 25.69
CA SER C 174 -2.43 30.13 26.89
C SER C 174 -2.29 31.64 26.80
N LYS C 175 -1.12 32.08 26.38
CA LYS C 175 -0.86 33.49 26.24
C LYS C 175 -1.79 34.15 25.22
N ILE C 176 -1.96 33.53 24.07
CA ILE C 176 -2.82 34.05 23.00
C ILE C 176 -4.30 34.10 23.38
N LEU C 177 -4.72 33.18 24.25
CA LEU C 177 -6.11 33.12 24.69
C LEU C 177 -6.36 33.87 26.02
N ASN C 178 -5.28 34.37 26.64
CA ASN C 178 -5.39 35.08 27.91
C ASN C 178 -6.07 34.17 28.93
N ALA C 179 -5.72 32.88 28.89
CA ALA C 179 -6.30 31.90 29.79
C ALA C 179 -5.23 31.28 30.67
N GLU C 180 -5.66 30.48 31.63
CA GLU C 180 -4.73 29.80 32.55
C GLU C 180 -4.31 28.53 31.84
N TYR C 181 -3.25 27.91 32.32
CA TYR C 181 -2.80 26.66 31.70
C TYR C 181 -2.17 25.73 32.74
N ASP C 182 -2.18 24.43 32.43
CA ASP C 182 -1.66 23.42 33.34
C ASP C 182 -1.37 22.17 32.50
N TYR C 183 -1.15 21.05 33.16
CA TYR C 183 -0.89 19.80 32.46
C TYR C 183 -1.28 18.60 33.33
N LEU C 184 -1.80 17.55 32.72
CA LEU C 184 -2.18 16.36 33.46
C LEU C 184 -0.89 15.71 33.96
N GLU C 185 -0.87 15.28 35.23
CA GLU C 185 0.34 14.66 35.81
C GLU C 185 0.31 13.12 35.78
N ILE C 196 -3.88 10.36 37.64
CA ILE C 196 -3.97 11.28 36.50
C ILE C 196 -5.02 12.39 36.70
N ALA C 197 -4.57 13.63 36.50
CA ALA C 197 -5.42 14.82 36.63
C ALA C 197 -4.54 16.08 36.48
N PRO C 198 -5.17 17.24 36.26
CA PRO C 198 -4.32 18.44 36.13
C PRO C 198 -3.50 18.65 37.40
N LYS C 199 -2.26 19.07 37.24
CA LYS C 199 -1.38 19.30 38.38
C LYS C 199 -1.92 20.31 39.38
N THR C 200 -2.54 21.38 38.89
CA THR C 200 -3.02 22.44 39.75
C THR C 200 -4.46 22.89 39.53
N LEU C 201 -4.82 23.15 38.27
CA LEU C 201 -6.15 23.64 37.96
C LEU C 201 -7.23 22.59 38.14
N ASP C 202 -8.48 23.03 38.01
CA ASP C 202 -9.65 22.16 38.16
C ASP C 202 -10.62 22.48 37.02
N ALA C 203 -11.04 21.45 36.30
CA ALA C 203 -11.91 21.61 35.16
C ALA C 203 -13.41 21.67 35.42
N LYS C 204 -13.82 21.54 36.69
CA LYS C 204 -15.24 21.59 37.04
C LYS C 204 -15.89 22.83 36.39
N ASP C 205 -16.94 22.59 35.62
CA ASP C 205 -17.69 23.65 34.91
C ASP C 205 -16.88 24.62 34.06
N ARG C 206 -15.88 24.10 33.35
CA ARG C 206 -15.06 24.95 32.51
C ARG C 206 -14.80 24.41 31.11
N ASP C 207 -14.62 25.32 30.15
CA ASP C 207 -14.31 24.93 28.78
C ASP C 207 -12.84 24.55 28.77
N VAL C 208 -12.47 23.58 27.93
CA VAL C 208 -11.08 23.14 27.89
C VAL C 208 -10.46 23.04 26.50
N PHE C 209 -9.22 23.52 26.39
CA PHE C 209 -8.48 23.48 25.14
C PHE C 209 -7.26 22.60 25.39
N ILE C 210 -7.34 21.35 24.94
CA ILE C 210 -6.22 20.42 25.10
C ILE C 210 -5.37 20.58 23.84
N VAL C 211 -4.08 20.84 24.03
CA VAL C 211 -3.20 21.03 22.89
C VAL C 211 -1.91 20.24 23.04
N ASP C 212 -1.49 19.62 21.93
CA ASP C 212 -0.27 18.83 21.91
C ASP C 212 0.32 18.99 20.52
N ASP C 213 1.50 18.42 20.29
CA ASP C 213 2.10 18.53 18.98
C ASP C 213 1.60 17.40 18.08
N ILE C 214 1.38 16.22 18.66
CA ILE C 214 0.92 15.08 17.90
C ILE C 214 -0.17 14.26 18.57
N ILE C 215 -1.04 13.68 17.75
CA ILE C 215 -2.10 12.80 18.20
C ILE C 215 -2.07 11.65 17.19
N SER C 216 -1.46 10.52 17.59
CA SER C 216 -1.34 9.34 16.75
C SER C 216 -2.48 8.38 17.01
N THR C 217 -2.29 7.60 18.07
CA THR C 217 -3.21 6.58 18.56
C THR C 217 -4.46 7.17 19.16
N GLY C 218 -4.30 8.26 19.89
CA GLY C 218 -5.43 8.91 20.52
C GLY C 218 -5.64 8.53 21.97
N GLY C 219 -4.94 7.51 22.46
CA GLY C 219 -5.07 7.08 23.84
C GLY C 219 -4.83 8.18 24.87
N THR C 220 -3.66 8.80 24.82
CA THR C 220 -3.31 9.90 25.73
C THR C 220 -4.44 10.92 25.74
N MET C 221 -4.87 11.30 24.54
CA MET C 221 -5.94 12.26 24.36
C MET C 221 -7.28 11.76 24.90
N ALA C 222 -7.78 10.65 24.33
CA ALA C 222 -9.07 10.08 24.72
C ALA C 222 -9.17 9.93 26.22
N THR C 223 -8.05 9.56 26.83
CA THR C 223 -7.98 9.38 28.27
C THR C 223 -8.23 10.72 28.99
N ALA C 224 -7.47 11.73 28.62
CA ALA C 224 -7.60 13.05 29.19
C ALA C 224 -9.04 13.55 29.09
N VAL C 225 -9.65 13.37 27.92
CA VAL C 225 -11.03 13.83 27.69
C VAL C 225 -12.06 13.15 28.58
N LYS C 226 -12.00 11.82 28.67
CA LYS C 226 -12.94 11.08 29.50
C LYS C 226 -12.87 11.58 30.94
N LEU C 227 -11.65 11.68 31.47
CA LEU C 227 -11.43 12.16 32.83
C LEU C 227 -12.00 13.57 32.99
N LEU C 228 -11.49 14.50 32.19
CA LEU C 228 -11.95 15.89 32.23
C LEU C 228 -13.47 15.97 32.23
N LYS C 229 -14.11 15.14 31.41
CA LYS C 229 -15.56 15.14 31.35
C LYS C 229 -16.10 14.77 32.73
N GLU C 230 -15.45 13.81 33.36
CA GLU C 230 -15.86 13.36 34.67
C GLU C 230 -15.66 14.42 35.76
N GLN C 231 -14.68 15.28 35.55
CA GLN C 231 -14.39 16.34 36.49
C GLN C 231 -15.30 17.51 36.17
N GLY C 232 -16.34 17.24 35.39
CA GLY C 232 -17.30 18.27 35.03
C GLY C 232 -16.82 19.31 34.01
N ALA C 233 -15.99 18.90 33.05
CA ALA C 233 -15.52 19.84 32.04
C ALA C 233 -16.69 20.10 31.11
N LYS C 234 -16.74 21.29 30.53
CA LYS C 234 -17.83 21.61 29.62
C LYS C 234 -17.40 21.32 28.17
N LYS C 235 -17.33 22.36 27.33
CA LYS C 235 -16.91 22.17 25.95
C LYS C 235 -15.40 21.92 25.86
N ILE C 236 -15.03 20.80 25.24
CA ILE C 236 -13.62 20.45 25.09
C ILE C 236 -13.20 20.39 23.64
N ILE C 237 -12.13 21.12 23.31
CA ILE C 237 -11.58 21.09 21.96
C ILE C 237 -10.15 20.57 22.04
N ALA C 238 -9.84 19.60 21.19
CA ALA C 238 -8.51 19.02 21.16
C ALA C 238 -7.80 19.44 19.86
N ALA C 239 -6.64 20.05 20.01
CA ALA C 239 -5.86 20.49 18.85
C ALA C 239 -4.45 19.91 18.87
N CYS C 240 -3.89 19.69 17.69
CA CYS C 240 -2.54 19.18 17.55
C CYS C 240 -1.97 19.76 16.27
N VAL C 241 -0.65 19.79 16.16
CA VAL C 241 -0.06 20.31 14.94
C VAL C 241 -0.07 19.23 13.87
N HIS C 242 0.36 18.03 14.24
CA HIS C 242 0.41 16.92 13.31
C HIS C 242 -0.69 15.90 13.58
N PRO C 243 -1.84 16.04 12.87
CA PRO C 243 -2.97 15.14 13.05
C PRO C 243 -2.78 13.79 12.39
N VAL C 244 -1.85 13.00 12.92
CA VAL C 244 -1.56 11.68 12.37
C VAL C 244 -2.80 10.80 12.45
N LEU C 245 -3.55 10.95 13.55
CA LEU C 245 -4.80 10.22 13.79
C LEU C 245 -4.91 8.86 13.10
N ILE C 246 -4.18 7.89 13.62
CA ILE C 246 -4.16 6.54 13.07
C ILE C 246 -5.41 5.75 13.38
N GLY C 247 -5.82 4.94 12.42
CA GLY C 247 -6.98 4.09 12.58
C GLY C 247 -8.26 4.76 13.02
N ASP C 248 -8.79 4.32 14.14
CA ASP C 248 -10.04 4.87 14.66
C ASP C 248 -9.82 5.96 15.69
N ALA C 249 -8.66 6.60 15.64
CA ALA C 249 -8.31 7.65 16.59
C ALA C 249 -9.41 8.71 16.75
N LEU C 250 -9.91 9.23 15.63
CA LEU C 250 -10.94 10.26 15.68
C LEU C 250 -12.21 9.79 16.37
N ASN C 251 -12.67 8.59 16.05
CA ASN C 251 -13.89 8.06 16.66
C ASN C 251 -13.70 7.91 18.17
N LYS C 252 -12.48 7.56 18.55
CA LYS C 252 -12.11 7.36 19.94
C LYS C 252 -12.28 8.68 20.71
N LEU C 253 -11.76 9.76 20.13
CA LEU C 253 -11.86 11.08 20.76
C LEU C 253 -13.29 11.60 20.82
N TYR C 254 -14.00 11.48 19.71
CA TYR C 254 -15.39 11.93 19.63
C TYR C 254 -16.26 11.23 20.67
N SER C 255 -16.04 9.92 20.84
CA SER C 255 -16.80 9.15 21.81
C SER C 255 -16.45 9.58 23.22
N ALA C 256 -15.17 9.85 23.47
CA ALA C 256 -14.75 10.29 24.78
C ALA C 256 -15.50 11.58 25.12
N GLY C 257 -16.01 12.24 24.08
CA GLY C 257 -16.76 13.45 24.26
C GLY C 257 -16.18 14.78 23.81
N VAL C 258 -15.16 14.81 22.96
CA VAL C 258 -14.62 16.10 22.54
C VAL C 258 -15.61 16.82 21.65
N GLU C 259 -15.61 18.14 21.75
CA GLU C 259 -16.49 18.99 20.95
C GLU C 259 -15.98 19.06 19.52
N GLU C 260 -14.66 19.00 19.39
CA GLU C 260 -14.03 19.08 18.08
C GLU C 260 -12.53 18.79 18.16
N VAL C 261 -12.01 18.21 17.07
CA VAL C 261 -10.59 17.93 16.96
C VAL C 261 -10.12 18.74 15.75
N VAL C 262 -9.00 19.44 15.90
CA VAL C 262 -8.50 20.25 14.81
C VAL C 262 -7.00 20.10 14.69
N GLY C 263 -6.53 20.04 13.45
CA GLY C 263 -5.11 19.91 13.18
C GLY C 263 -4.68 20.86 12.08
N THR C 264 -3.42 20.79 11.67
CA THR C 264 -2.94 21.66 10.61
C THR C 264 -2.71 20.86 9.34
N ASP C 265 -2.25 21.54 8.29
CA ASP C 265 -2.00 20.87 7.02
C ASP C 265 -0.57 20.40 6.82
N THR C 266 0.12 20.07 7.92
CA THR C 266 1.48 19.53 7.83
C THR C 266 1.33 18.05 7.52
N TYR C 267 0.21 17.48 7.96
CA TYR C 267 -0.07 16.06 7.79
C TYR C 267 -1.56 15.95 7.45
N LEU C 268 -1.86 15.42 6.27
CA LEU C 268 -3.24 15.30 5.81
C LEU C 268 -4.16 14.41 6.64
N SER C 269 -5.24 15.01 7.14
CA SER C 269 -6.24 14.31 7.93
C SER C 269 -7.61 14.90 7.63
N GLU C 270 -8.66 14.28 8.16
CA GLU C 270 -10.01 14.76 7.95
C GLU C 270 -10.26 16.05 8.72
N VAL C 271 -9.30 16.45 9.55
CA VAL C 271 -9.42 17.68 10.33
C VAL C 271 -8.29 18.68 10.17
N SER C 272 -7.56 18.60 9.06
CA SER C 272 -6.46 19.52 8.79
C SER C 272 -7.05 20.87 8.36
N LYS C 273 -7.64 21.59 9.31
CA LYS C 273 -8.28 22.87 9.07
C LYS C 273 -7.38 24.09 9.07
N VAL C 274 -6.36 24.09 9.92
CA VAL C 274 -5.47 25.24 10.03
C VAL C 274 -4.26 25.09 9.11
N SER C 275 -3.88 26.18 8.46
CA SER C 275 -2.74 26.16 7.56
C SER C 275 -1.45 26.69 8.20
N VAL C 276 -0.32 26.16 7.77
CA VAL C 276 0.97 26.59 8.30
C VAL C 276 1.71 27.39 7.25
N ALA C 277 1.01 27.75 6.18
CA ALA C 277 1.60 28.51 5.10
C ALA C 277 2.29 29.78 5.59
N GLU C 278 1.57 30.59 6.37
CA GLU C 278 2.13 31.83 6.88
C GLU C 278 3.33 31.55 7.77
N VAL C 279 3.23 30.51 8.58
CA VAL C 279 4.29 30.14 9.49
C VAL C 279 5.57 29.81 8.71
N ILE C 280 5.39 29.14 7.57
CA ILE C 280 6.50 28.77 6.72
C ILE C 280 7.07 30.00 6.02
N VAL C 281 6.18 30.85 5.51
CA VAL C 281 6.61 32.05 4.82
C VAL C 281 7.53 32.92 5.68
N ASP C 282 7.27 32.96 6.99
CA ASP C 282 8.09 33.76 7.90
C ASP C 282 9.46 33.19 8.16
N LEU C 283 9.64 31.91 7.92
CA LEU C 283 10.92 31.27 8.14
C LEU C 283 11.78 31.29 6.90
N LEU C 284 11.21 31.76 5.78
CA LEU C 284 11.95 31.80 4.53
C LEU C 284 12.79 33.08 4.41
N MET D 1 32.99 -12.37 8.89
CA MET D 1 31.94 -11.49 8.30
C MET D 1 30.55 -11.98 8.69
N ILE D 2 29.80 -11.15 9.44
CA ILE D 2 28.44 -11.51 9.82
C ILE D 2 27.50 -11.12 8.68
N VAL D 3 26.46 -11.91 8.47
CA VAL D 3 25.46 -11.64 7.44
C VAL D 3 24.26 -10.94 8.10
N VAL D 4 23.91 -9.76 7.61
CA VAL D 4 22.79 -9.00 8.16
C VAL D 4 21.59 -9.04 7.19
N SER D 5 20.50 -9.65 7.64
CA SER D 5 19.32 -9.79 6.81
C SER D 5 18.49 -8.53 6.68
N GLY D 6 18.16 -8.21 5.45
CA GLY D 6 17.30 -7.08 5.19
C GLY D 6 15.93 -7.71 5.23
N SER D 7 14.88 -6.93 5.47
CA SER D 7 13.54 -7.50 5.52
C SER D 7 13.06 -8.09 4.21
N GLN D 8 13.67 -7.69 3.10
CA GLN D 8 13.24 -8.18 1.80
C GLN D 8 14.01 -9.35 1.20
N SER D 9 15.09 -9.78 1.86
CA SER D 9 15.91 -10.90 1.39
C SER D 9 16.23 -11.86 2.53
N GLN D 10 15.25 -12.15 3.37
CA GLN D 10 15.48 -13.04 4.50
C GLN D 10 15.89 -14.46 4.13
N ASN D 11 15.35 -15.01 3.05
CA ASN D 11 15.72 -16.35 2.65
C ASN D 11 17.06 -16.35 1.95
N LEU D 12 17.29 -15.37 1.09
CA LEU D 12 18.55 -15.29 0.37
C LEU D 12 19.73 -15.07 1.32
N ALA D 13 19.54 -14.20 2.31
CA ALA D 13 20.59 -13.94 3.30
C ALA D 13 20.94 -15.23 4.07
N PHE D 14 19.91 -16.01 4.35
CA PHE D 14 20.05 -17.27 5.06
C PHE D 14 20.86 -18.25 4.22
N LYS D 15 20.48 -18.39 2.95
CA LYS D 15 21.17 -19.29 2.04
C LYS D 15 22.63 -18.91 1.87
N VAL D 16 22.90 -17.60 1.82
CA VAL D 16 24.26 -17.10 1.67
C VAL D 16 25.08 -17.39 2.92
N ALA D 17 24.52 -17.08 4.08
CA ALA D 17 25.20 -17.31 5.34
C ALA D 17 25.56 -18.80 5.46
N LYS D 18 24.63 -19.66 5.06
CA LYS D 18 24.82 -21.11 5.13
C LYS D 18 26.02 -21.49 4.25
N LEU D 19 26.09 -20.92 3.06
CA LEU D 19 27.20 -21.20 2.16
C LEU D 19 28.50 -20.67 2.76
N LEU D 20 28.44 -19.51 3.40
CA LEU D 20 29.64 -18.93 4.02
C LEU D 20 29.89 -19.60 5.36
N ASN D 21 29.02 -20.54 5.71
CA ASN D 21 29.14 -21.25 6.98
C ASN D 21 29.29 -20.25 8.12
N THR D 22 28.46 -19.22 8.09
CA THR D 22 28.42 -18.18 9.12
C THR D 22 27.11 -18.18 9.88
N LYS D 23 27.17 -17.83 11.15
CA LYS D 23 25.98 -17.78 12.00
C LYS D 23 25.16 -16.58 11.48
N LEU D 24 23.88 -16.81 11.19
CA LEU D 24 23.03 -15.74 10.69
C LEU D 24 22.58 -14.83 11.83
N THR D 25 22.97 -13.56 11.74
CA THR D 25 22.62 -12.56 12.75
C THR D 25 21.12 -12.28 12.83
N ARG D 26 20.57 -12.28 14.05
CA ARG D 26 19.14 -12.02 14.26
C ARG D 26 18.88 -10.53 14.13
N VAL D 27 18.10 -10.15 13.13
CA VAL D 27 17.80 -8.74 12.92
C VAL D 27 16.31 -8.47 13.09
N GLU D 28 15.98 -7.65 14.08
CA GLU D 28 14.59 -7.32 14.35
C GLU D 28 14.07 -6.30 13.33
N TYR D 29 12.91 -6.59 12.75
CA TYR D 29 12.28 -5.71 11.78
C TYR D 29 10.78 -5.61 12.02
N LYS D 30 10.27 -4.39 12.11
CA LYS D 30 8.84 -4.18 12.30
C LYS D 30 8.45 -2.78 11.90
N ARG D 31 7.15 -2.49 11.97
CA ARG D 31 6.65 -1.18 11.62
C ARG D 31 5.94 -0.55 12.81
N PHE D 32 6.15 0.74 13.03
CA PHE D 32 5.46 1.42 14.13
C PHE D 32 4.04 1.63 13.63
N PRO D 33 3.13 2.08 14.50
CA PRO D 33 1.76 2.30 14.02
C PRO D 33 1.81 3.28 12.84
N ASP D 34 2.80 4.17 12.87
CA ASP D 34 3.08 5.18 11.83
C ASP D 34 3.22 4.50 10.47
N ASN D 35 3.92 3.37 10.54
CA ASN D 35 4.29 2.54 9.41
C ASN D 35 5.77 2.85 9.14
N GLU D 36 6.40 3.53 10.09
CA GLU D 36 7.81 3.85 9.97
C GLU D 36 8.56 2.57 10.25
N ILE D 37 9.71 2.41 9.62
CA ILE D 37 10.52 1.22 9.80
C ILE D 37 11.30 1.21 11.11
N TYR D 38 11.35 0.05 11.73
CA TYR D 38 12.10 -0.13 12.96
C TYR D 38 13.05 -1.31 12.73
N VAL D 39 14.34 -1.08 12.88
CA VAL D 39 15.29 -2.17 12.72
C VAL D 39 16.11 -2.30 13.99
N ARG D 40 16.65 -3.48 14.21
CA ARG D 40 17.47 -3.73 15.38
C ARG D 40 18.32 -5.00 15.30
N ILE D 41 19.63 -4.82 15.41
CA ILE D 41 20.58 -5.91 15.39
C ILE D 41 20.46 -6.52 16.78
N VAL D 42 19.79 -7.66 16.88
CA VAL D 42 19.60 -8.30 18.18
C VAL D 42 20.86 -8.98 18.72
N ASP D 43 21.43 -9.88 17.94
CA ASP D 43 22.66 -10.57 18.37
C ASP D 43 23.76 -9.57 18.60
N GLU D 44 24.71 -9.92 19.46
CA GLU D 44 25.82 -9.03 19.75
C GLU D 44 26.84 -9.15 18.63
N ILE D 45 27.37 -8.00 18.21
CA ILE D 45 28.34 -7.96 17.13
C ILE D 45 29.77 -7.72 17.60
N ASN D 46 30.60 -8.73 17.39
CA ASN D 46 32.01 -8.70 17.76
C ASN D 46 32.75 -8.34 16.46
N ASP D 47 32.56 -9.17 15.43
CA ASP D 47 33.20 -8.97 14.13
C ASP D 47 32.99 -7.50 13.71
N ASP D 48 33.86 -6.97 12.85
CA ASP D 48 33.70 -5.58 12.43
C ASP D 48 33.51 -5.44 10.92
N GLU D 49 33.01 -6.52 10.32
CA GLU D 49 32.72 -6.56 8.88
C GLU D 49 31.38 -7.26 8.66
N ALA D 50 30.40 -6.51 8.19
CA ALA D 50 29.07 -7.07 7.96
C ALA D 50 28.68 -6.96 6.51
N VAL D 51 27.77 -7.84 6.10
CA VAL D 51 27.26 -7.85 4.74
C VAL D 51 25.74 -7.75 4.81
N ILE D 52 25.20 -6.64 4.33
CA ILE D 52 23.76 -6.45 4.31
C ILE D 52 23.22 -7.01 3.00
N ILE D 53 22.24 -7.91 3.10
CA ILE D 53 21.65 -8.49 1.92
C ILE D 53 20.18 -8.10 1.93
N ASN D 54 19.84 -7.08 1.14
CA ASN D 54 18.49 -6.57 1.07
C ASN D 54 18.16 -6.09 -0.34
N THR D 55 17.34 -6.86 -1.03
CA THR D 55 16.95 -6.53 -2.40
C THR D 55 15.91 -5.40 -2.34
N GLN D 56 15.67 -4.75 -3.47
CA GLN D 56 14.76 -3.62 -3.49
C GLN D 56 13.47 -3.71 -4.31
N LYS D 57 12.68 -4.77 -4.12
CA LYS D 57 11.42 -4.91 -4.82
C LYS D 57 10.54 -3.72 -4.41
N ASN D 58 10.47 -3.47 -3.10
CA ASN D 58 9.74 -2.33 -2.59
C ASN D 58 10.87 -1.32 -2.45
N GLN D 59 11.10 -0.60 -3.54
CA GLN D 59 12.18 0.35 -3.66
C GLN D 59 12.50 1.32 -2.52
N ASN D 60 11.59 2.25 -2.24
CA ASN D 60 11.83 3.24 -1.21
C ASN D 60 11.98 2.67 0.19
N ASP D 61 11.33 1.55 0.44
CA ASP D 61 11.43 0.91 1.75
C ASP D 61 12.83 0.33 1.93
N ALA D 62 13.35 -0.28 0.87
CA ALA D 62 14.67 -0.89 0.90
C ALA D 62 15.76 0.14 1.12
N ILE D 63 15.58 1.31 0.49
CA ILE D 63 16.55 2.39 0.61
C ILE D 63 16.61 2.90 2.04
N VAL D 64 15.45 3.20 2.63
CA VAL D 64 15.42 3.71 3.98
C VAL D 64 15.85 2.66 4.98
N GLU D 65 15.39 1.42 4.80
CA GLU D 65 15.77 0.35 5.71
C GLU D 65 17.29 0.15 5.71
N THR D 66 17.90 0.28 4.55
CA THR D 66 19.34 0.10 4.41
C THR D 66 20.08 1.22 5.12
N ILE D 67 19.57 2.45 4.95
CA ILE D 67 20.16 3.63 5.58
C ILE D 67 20.17 3.46 7.09
N LEU D 68 19.04 3.01 7.63
CA LEU D 68 18.90 2.80 9.07
C LEU D 68 19.81 1.67 9.58
N LEU D 69 19.91 0.58 8.82
CA LEU D 69 20.75 -0.55 9.21
C LEU D 69 22.23 -0.17 9.27
N CYS D 70 22.66 0.65 8.32
CA CYS D 70 24.05 1.08 8.29
C CYS D 70 24.37 1.89 9.53
N ASP D 71 23.47 2.78 9.90
CA ASP D 71 23.65 3.61 11.08
C ASP D 71 23.76 2.70 12.32
N ALA D 72 22.89 1.70 12.38
CA ALA D 72 22.87 0.77 13.50
C ALA D 72 24.16 -0.04 13.59
N LEU D 73 24.69 -0.45 12.45
CA LEU D 73 25.91 -1.22 12.43
C LEU D 73 27.14 -0.38 12.81
N ARG D 74 27.25 0.83 12.25
CA ARG D 74 28.37 1.70 12.56
C ARG D 74 28.40 2.01 14.05
N ASP D 75 27.23 2.33 14.59
CA ASP D 75 27.08 2.67 16.00
C ASP D 75 27.32 1.45 16.87
N GLU D 76 27.81 0.39 16.26
CA GLU D 76 28.08 -0.82 17.01
C GLU D 76 29.46 -1.37 16.74
N GLY D 77 30.31 -0.53 16.14
CA GLY D 77 31.67 -0.95 15.87
C GLY D 77 32.06 -1.41 14.49
N VAL D 78 31.09 -1.83 13.67
CA VAL D 78 31.38 -2.31 12.31
C VAL D 78 32.19 -1.33 11.47
N LYS D 79 33.37 -1.75 11.03
CA LYS D 79 34.27 -0.92 10.24
C LYS D 79 34.00 -0.97 8.74
N LYS D 80 33.62 -2.13 8.25
CA LYS D 80 33.34 -2.29 6.82
C LYS D 80 31.94 -2.88 6.58
N ILE D 81 31.14 -2.20 5.77
CA ILE D 81 29.80 -2.67 5.46
C ILE D 81 29.67 -2.86 3.96
N THR D 82 29.33 -4.08 3.55
CA THR D 82 29.14 -4.38 2.15
C THR D 82 27.64 -4.55 1.94
N LEU D 83 27.09 -3.85 0.96
CA LEU D 83 25.67 -3.96 0.65
C LEU D 83 25.41 -4.81 -0.59
N VAL D 84 24.64 -5.86 -0.40
CA VAL D 84 24.26 -6.73 -1.50
C VAL D 84 22.78 -6.46 -1.79
N ALA D 85 22.50 -5.81 -2.92
CA ALA D 85 21.14 -5.51 -3.35
C ALA D 85 20.95 -6.30 -4.64
N PRO D 86 20.52 -7.58 -4.53
CA PRO D 86 20.29 -8.46 -5.68
C PRO D 86 19.62 -7.70 -6.80
N TYR D 87 18.48 -7.09 -6.50
CA TYR D 87 17.80 -6.25 -7.46
C TYR D 87 18.01 -4.82 -6.97
N LEU D 88 18.65 -3.99 -7.79
CA LEU D 88 18.88 -2.60 -7.42
C LEU D 88 17.88 -1.72 -8.15
N ALA D 89 17.10 -0.96 -7.37
CA ALA D 89 16.08 -0.08 -7.93
C ALA D 89 16.65 1.26 -8.37
N TYR D 90 15.85 2.00 -9.14
CA TYR D 90 16.22 3.32 -9.64
C TYR D 90 17.53 3.33 -10.41
N ALA D 91 17.92 2.19 -10.95
CA ALA D 91 19.17 2.10 -11.70
C ALA D 91 18.98 1.75 -13.16
N ARG D 92 17.76 1.87 -13.64
CA ARG D 92 17.49 1.53 -15.02
C ARG D 92 18.12 2.49 -16.04
N GLN D 93 18.16 3.78 -15.72
CA GLN D 93 18.71 4.74 -16.67
C GLN D 93 20.10 5.34 -16.36
N ASP D 94 20.78 5.71 -17.44
CA ASP D 94 22.12 6.26 -17.42
C ASP D 94 22.13 7.79 -17.36
N LYS D 95 21.08 8.39 -17.94
CA LYS D 95 20.98 9.84 -18.00
C LYS D 95 19.57 10.37 -18.13
N LYS D 96 19.45 11.66 -18.42
CA LYS D 96 18.16 12.30 -18.56
C LYS D 96 17.63 12.12 -19.97
N PHE D 97 16.31 11.97 -20.08
CA PHE D 97 15.66 11.82 -21.38
C PHE D 97 14.80 13.06 -21.58
N ASN D 98 14.93 14.02 -20.68
CA ASN D 98 14.17 15.27 -20.76
C ASN D 98 14.77 16.26 -19.81
N PRO D 99 14.74 17.55 -20.16
CA PRO D 99 15.30 18.56 -19.27
C PRO D 99 14.41 18.61 -18.02
N GLY D 100 15.00 18.99 -16.89
CA GLY D 100 14.24 19.05 -15.64
C GLY D 100 14.15 17.72 -14.91
N GLU D 101 14.68 16.66 -15.53
CA GLU D 101 14.65 15.35 -14.92
C GLU D 101 15.84 15.15 -14.00
N ALA D 102 15.81 14.06 -13.27
CA ALA D 102 16.89 13.71 -12.38
C ALA D 102 17.53 12.42 -12.89
N ILE D 103 18.72 12.13 -12.41
CA ILE D 103 19.37 10.89 -12.76
C ILE D 103 19.35 10.19 -11.40
N SER D 104 18.28 9.44 -11.17
CA SER D 104 18.05 8.75 -9.90
C SER D 104 19.20 7.91 -9.35
N ILE D 105 19.84 7.11 -10.20
CA ILE D 105 20.94 6.29 -9.74
C ILE D 105 22.13 7.17 -9.33
N ARG D 106 22.26 8.34 -9.96
CA ARG D 106 23.33 9.27 -9.63
C ARG D 106 23.15 9.80 -8.21
N ALA D 107 21.93 10.22 -7.89
CA ALA D 107 21.58 10.75 -6.58
C ALA D 107 21.74 9.70 -5.48
N LEU D 108 21.34 8.47 -5.78
CA LEU D 108 21.44 7.38 -4.80
C LEU D 108 22.86 6.86 -4.63
N ALA D 109 23.64 6.86 -5.72
CA ALA D 109 25.02 6.40 -5.67
C ALA D 109 25.78 7.24 -4.65
N LYS D 110 25.43 8.53 -4.58
CA LYS D 110 26.06 9.45 -3.64
C LYS D 110 25.81 9.01 -2.20
N ILE D 111 24.58 8.61 -1.93
CA ILE D 111 24.23 8.15 -0.60
C ILE D 111 24.91 6.80 -0.30
N TYR D 112 24.88 5.88 -1.27
CA TYR D 112 25.53 4.58 -1.11
C TYR D 112 27.02 4.71 -0.84
N SER D 113 27.69 5.55 -1.61
CA SER D 113 29.12 5.76 -1.47
C SER D 113 29.48 6.32 -0.10
N ASN D 114 28.49 6.86 0.60
CA ASN D 114 28.70 7.44 1.92
C ASN D 114 28.35 6.48 3.03
N ILE D 115 27.35 5.61 2.84
CA ILE D 115 26.99 4.70 3.93
C ILE D 115 27.59 3.29 3.87
N VAL D 116 28.03 2.85 2.71
CA VAL D 116 28.65 1.52 2.61
C VAL D 116 29.99 1.62 1.88
N ASP D 117 30.83 0.62 2.12
CA ASP D 117 32.16 0.57 1.53
C ASP D 117 32.21 -0.22 0.23
N LYS D 118 31.16 -0.98 -0.03
CA LYS D 118 31.11 -1.79 -1.23
C LYS D 118 29.66 -2.13 -1.56
N LEU D 119 29.34 -2.13 -2.85
CA LEU D 119 28.00 -2.45 -3.30
C LEU D 119 28.01 -3.55 -4.34
N ILE D 120 27.23 -4.59 -4.12
CA ILE D 120 27.12 -5.71 -5.04
C ILE D 120 25.68 -5.82 -5.54
N THR D 121 25.51 -6.08 -6.84
CA THR D 121 24.17 -6.25 -7.38
C THR D 121 24.21 -7.28 -8.50
N ILE D 122 23.07 -7.89 -8.80
CA ILE D 122 23.03 -8.92 -9.84
C ILE D 122 22.41 -8.43 -11.13
N ASN D 123 23.10 -8.67 -12.23
CA ASN D 123 22.65 -8.27 -13.57
C ASN D 123 21.98 -6.90 -13.68
N PRO D 124 22.76 -5.82 -13.55
CA PRO D 124 22.22 -4.46 -13.66
C PRO D 124 21.80 -4.26 -15.11
N HIS D 125 20.81 -3.41 -15.34
CA HIS D 125 20.39 -3.18 -16.70
C HIS D 125 21.46 -2.38 -17.44
N GLU D 126 21.97 -1.35 -16.76
CA GLU D 126 23.00 -0.47 -17.32
C GLU D 126 24.30 -0.64 -16.56
N THR D 127 25.32 -1.16 -17.23
CA THR D 127 26.61 -1.38 -16.58
C THR D 127 27.35 -0.09 -16.27
N HIS D 128 27.03 0.98 -16.98
CA HIS D 128 27.72 2.25 -16.75
C HIS D 128 27.32 3.01 -15.47
N ILE D 129 26.22 2.62 -14.85
CA ILE D 129 25.82 3.33 -13.63
C ILE D 129 26.93 3.33 -12.59
N LYS D 130 27.89 2.42 -12.73
CA LYS D 130 29.00 2.34 -11.77
C LYS D 130 29.84 3.61 -11.76
N ASP D 131 29.82 4.35 -12.87
CA ASP D 131 30.61 5.56 -12.97
C ASP D 131 30.21 6.60 -11.93
N PHE D 132 28.99 6.46 -11.40
CA PHE D 132 28.49 7.41 -10.42
C PHE D 132 28.93 7.07 -8.99
N PHE D 133 29.47 5.88 -8.79
CA PHE D 133 29.89 5.45 -7.47
C PHE D 133 31.35 5.75 -7.17
N THR D 134 31.64 6.07 -5.91
CA THR D 134 33.01 6.34 -5.50
C THR D 134 33.45 5.27 -4.52
N ILE D 135 32.79 4.12 -4.62
CA ILE D 135 33.11 2.94 -3.82
C ILE D 135 33.04 1.82 -4.82
N PRO D 136 33.60 0.65 -4.48
CA PRO D 136 33.60 -0.50 -5.38
C PRO D 136 32.17 -0.90 -5.75
N PHE D 137 31.89 -1.03 -7.04
CA PHE D 137 30.57 -1.41 -7.51
C PHE D 137 30.73 -2.72 -8.28
N ILE D 138 30.41 -3.82 -7.60
CA ILE D 138 30.52 -5.15 -8.18
C ILE D 138 29.18 -5.71 -8.65
N TYR D 139 29.17 -6.33 -9.81
CA TYR D 139 27.96 -6.95 -10.35
C TYR D 139 28.21 -8.39 -10.78
N GLY D 140 27.34 -9.29 -10.35
CA GLY D 140 27.44 -10.69 -10.69
C GLY D 140 26.43 -11.02 -11.78
N ASP D 141 26.62 -12.16 -12.44
CA ASP D 141 25.73 -12.60 -13.50
C ASP D 141 25.05 -13.90 -13.13
N ALA D 142 23.72 -13.89 -13.19
CA ALA D 142 22.92 -15.06 -12.86
C ALA D 142 22.43 -15.82 -14.10
N VAL D 143 22.70 -15.28 -15.29
CA VAL D 143 22.27 -15.94 -16.52
C VAL D 143 22.76 -17.39 -16.59
N PRO D 144 24.02 -17.65 -16.21
CA PRO D 144 24.53 -19.03 -16.25
C PRO D 144 23.66 -20.00 -15.44
N LYS D 145 23.14 -19.52 -14.31
CA LYS D 145 22.29 -20.33 -13.45
C LYS D 145 20.94 -20.59 -14.11
N LEU D 146 20.45 -19.64 -14.89
CA LEU D 146 19.18 -19.82 -15.56
C LEU D 146 19.37 -20.86 -16.66
N ALA D 147 20.47 -20.74 -17.40
CA ALA D 147 20.80 -21.65 -18.48
C ALA D 147 20.89 -23.09 -17.94
N GLU D 148 21.56 -23.25 -16.80
CA GLU D 148 21.70 -24.57 -16.19
C GLU D 148 20.35 -25.16 -15.78
N TYR D 149 19.37 -24.32 -15.53
CA TYR D 149 18.04 -24.76 -15.12
C TYR D 149 17.22 -25.33 -16.27
N VAL D 150 17.46 -24.82 -17.48
CA VAL D 150 16.70 -25.26 -18.65
C VAL D 150 17.33 -26.31 -19.55
N LYS D 151 18.66 -26.42 -19.55
CA LYS D 151 19.33 -27.40 -20.43
C LYS D 151 18.74 -28.76 -20.17
N ASP D 152 18.19 -28.89 -18.97
CA ASP D 152 17.56 -30.09 -18.49
C ASP D 152 16.21 -30.33 -19.17
N LYS D 153 15.52 -29.26 -19.57
CA LYS D 153 14.19 -29.40 -20.18
C LYS D 153 13.93 -28.81 -21.58
N LEU D 154 14.99 -28.65 -22.37
CA LEU D 154 14.83 -28.17 -23.74
C LEU D 154 15.64 -29.07 -24.67
N ASN D 155 15.09 -29.35 -25.84
CA ASN D 155 15.74 -30.21 -26.82
C ASN D 155 16.45 -29.41 -27.92
N ASP D 156 17.77 -29.36 -27.84
CA ASP D 156 18.58 -28.63 -28.83
C ASP D 156 17.89 -27.31 -29.13
N PRO D 157 17.81 -26.43 -28.14
CA PRO D 157 17.16 -25.13 -28.31
C PRO D 157 17.99 -24.05 -28.97
N ILE D 158 17.28 -23.00 -29.40
CA ILE D 158 17.87 -21.82 -29.99
C ILE D 158 17.72 -20.79 -28.87
N VAL D 159 18.80 -20.11 -28.51
CA VAL D 159 18.70 -19.14 -27.44
C VAL D 159 18.47 -17.77 -28.06
N LEU D 160 17.34 -17.15 -27.73
CA LEU D 160 17.02 -15.84 -28.28
C LEU D 160 16.99 -14.69 -27.29
N ALA D 161 17.44 -13.53 -27.74
CA ALA D 161 17.39 -12.33 -26.91
C ALA D 161 16.17 -11.59 -27.46
N PRO D 162 15.28 -11.09 -26.57
CA PRO D 162 14.06 -10.37 -26.98
C PRO D 162 14.34 -9.19 -27.89
N ASP D 163 15.57 -8.67 -27.80
CA ASP D 163 16.04 -7.56 -28.62
C ASP D 163 17.56 -7.54 -28.64
N LYS D 164 18.14 -6.71 -29.50
CA LYS D 164 19.60 -6.63 -29.60
C LYS D 164 20.25 -6.35 -28.24
N GLY D 165 19.62 -5.47 -27.46
CA GLY D 165 20.15 -5.11 -26.15
C GLY D 165 20.53 -6.27 -25.25
N ALA D 166 19.75 -7.35 -25.32
CA ALA D 166 20.00 -8.52 -24.50
C ALA D 166 20.79 -9.62 -25.18
N LEU D 167 21.48 -9.29 -26.27
CA LEU D 167 22.25 -10.30 -26.99
C LEU D 167 23.29 -11.02 -26.13
N GLU D 168 23.90 -10.30 -25.19
CA GLU D 168 24.92 -10.91 -24.35
C GLU D 168 24.41 -12.01 -23.43
N PHE D 169 23.18 -11.84 -22.96
CA PHE D 169 22.59 -12.83 -22.09
C PHE D 169 22.41 -14.09 -22.92
N ALA D 170 21.88 -13.92 -24.12
CA ALA D 170 21.65 -15.04 -25.02
C ALA D 170 22.98 -15.76 -25.32
N LYS D 171 24.03 -14.99 -25.57
CA LYS D 171 25.34 -15.56 -25.85
C LYS D 171 25.86 -16.36 -24.65
N THR D 172 25.78 -15.76 -23.46
CA THR D 172 26.22 -16.42 -22.24
C THR D 172 25.50 -17.76 -22.07
N ALA D 173 24.18 -17.73 -22.09
CA ALA D 173 23.39 -18.94 -21.94
C ALA D 173 23.73 -19.91 -23.07
N SER D 174 23.88 -19.34 -24.26
CA SER D 174 24.18 -20.10 -25.46
C SER D 174 25.40 -20.99 -25.28
N LYS D 175 26.44 -20.42 -24.69
CA LYS D 175 27.66 -21.17 -24.46
C LYS D 175 27.43 -22.36 -23.52
N ILE D 176 26.72 -22.12 -22.43
CA ILE D 176 26.42 -23.19 -21.46
C ILE D 176 25.56 -24.32 -22.03
N LEU D 177 24.69 -23.98 -22.97
CA LEU D 177 23.79 -24.95 -23.59
C LEU D 177 24.36 -25.55 -24.88
N ASN D 178 25.50 -25.05 -25.35
CA ASN D 178 26.11 -25.53 -26.58
C ASN D 178 25.10 -25.36 -27.72
N ALA D 179 24.37 -24.25 -27.69
CA ALA D 179 23.35 -23.99 -28.70
C ALA D 179 23.67 -22.73 -29.49
N GLU D 180 22.90 -22.48 -30.54
CA GLU D 180 23.10 -21.30 -31.37
C GLU D 180 22.33 -20.17 -30.69
N TYR D 181 22.62 -18.93 -31.06
CA TYR D 181 21.90 -17.81 -30.46
C TYR D 181 21.72 -16.66 -31.44
N ASP D 182 20.70 -15.86 -31.20
CA ASP D 182 20.38 -14.74 -32.08
C ASP D 182 19.50 -13.77 -31.28
N TYR D 183 18.91 -12.79 -31.96
CA TYR D 183 18.07 -11.82 -31.30
C TYR D 183 17.02 -11.27 -32.27
N LEU D 184 15.81 -11.00 -31.76
CA LEU D 184 14.75 -10.46 -32.61
C LEU D 184 15.14 -9.04 -32.99
N GLU D 185 14.97 -8.67 -34.26
CA GLU D 185 15.35 -7.33 -34.74
C GLU D 185 14.18 -6.35 -34.79
N ILE D 196 9.59 -7.59 -37.27
CA ILE D 196 10.10 -8.32 -36.10
C ILE D 196 10.29 -9.81 -36.36
N ALA D 197 11.49 -10.31 -36.04
CA ALA D 197 11.85 -11.74 -36.20
C ALA D 197 13.34 -11.92 -35.89
N PRO D 198 13.79 -13.15 -35.70
CA PRO D 198 15.21 -13.30 -35.42
C PRO D 198 16.04 -12.74 -36.58
N LYS D 199 17.17 -12.10 -36.26
CA LYS D 199 18.03 -11.51 -37.28
C LYS D 199 18.56 -12.53 -38.29
N THR D 200 18.90 -13.72 -37.82
CA THR D 200 19.49 -14.74 -38.68
C THR D 200 18.87 -16.13 -38.62
N LEU D 201 18.71 -16.66 -37.40
CA LEU D 201 18.17 -18.00 -37.21
C LEU D 201 16.69 -18.10 -37.57
N ASP D 202 16.19 -19.33 -37.59
CA ASP D 202 14.81 -19.63 -37.92
C ASP D 202 14.29 -20.63 -36.88
N ALA D 203 13.17 -20.30 -36.26
CA ALA D 203 12.58 -21.13 -35.22
C ALA D 203 11.69 -22.28 -35.68
N LYS D 204 11.49 -22.43 -36.98
CA LYS D 204 10.64 -23.52 -37.48
C LYS D 204 11.08 -24.86 -36.85
N ASP D 205 10.14 -25.56 -36.24
CA ASP D 205 10.36 -26.85 -35.58
C ASP D 205 11.52 -26.91 -34.58
N ARG D 206 11.68 -25.86 -33.79
CA ARG D 206 12.76 -25.84 -32.81
C ARG D 206 12.36 -25.38 -31.41
N ASP D 207 13.06 -25.89 -30.40
CA ASP D 207 12.81 -25.49 -29.03
C ASP D 207 13.47 -24.12 -28.86
N VAL D 208 12.89 -23.26 -28.02
CA VAL D 208 13.45 -21.93 -27.84
C VAL D 208 13.61 -21.49 -26.38
N PHE D 209 14.76 -20.88 -26.10
CA PHE D 209 15.06 -20.38 -24.78
C PHE D 209 15.20 -18.87 -24.92
N ILE D 210 14.16 -18.13 -24.55
CA ILE D 210 14.21 -16.68 -24.61
C ILE D 210 14.76 -16.20 -23.27
N VAL D 211 15.82 -15.40 -23.29
CA VAL D 211 16.40 -14.93 -22.04
C VAL D 211 16.65 -13.44 -22.07
N ASP D 212 16.33 -12.79 -20.97
CA ASP D 212 16.51 -11.34 -20.82
C ASP D 212 16.84 -11.08 -19.35
N ASP D 213 17.18 -9.85 -19.02
CA ASP D 213 17.49 -9.54 -17.63
C ASP D 213 16.22 -9.22 -16.86
N ILE D 214 15.25 -8.60 -17.52
CA ILE D 214 14.00 -8.24 -16.87
C ILE D 214 12.76 -8.47 -17.72
N ILE D 215 11.67 -8.78 -17.05
CA ILE D 215 10.36 -8.97 -17.67
C ILE D 215 9.40 -8.24 -16.72
N SER D 216 8.99 -7.03 -17.11
CA SER D 216 8.08 -6.22 -16.29
C SER D 216 6.65 -6.43 -16.72
N THR D 217 6.31 -5.70 -17.79
CA THR D 217 5.00 -5.69 -18.43
C THR D 217 4.70 -6.99 -19.18
N GLY D 218 5.73 -7.55 -19.81
CA GLY D 218 5.54 -8.79 -20.54
C GLY D 218 5.31 -8.61 -22.03
N GLY D 219 5.05 -7.37 -22.48
CA GLY D 219 4.81 -7.10 -23.89
C GLY D 219 5.90 -7.60 -24.84
N THR D 220 7.12 -7.13 -24.61
CA THR D 220 8.26 -7.52 -25.43
C THR D 220 8.29 -9.05 -25.50
N MET D 221 8.17 -9.68 -24.34
CA MET D 221 8.17 -11.15 -24.25
C MET D 221 6.98 -11.78 -24.97
N ALA D 222 5.77 -11.48 -24.50
CA ALA D 222 4.55 -12.07 -25.09
C ALA D 222 4.54 -11.94 -26.60
N THR D 223 5.07 -10.82 -27.08
CA THR D 223 5.14 -10.56 -28.51
C THR D 223 6.06 -11.59 -29.17
N ALA D 224 7.28 -11.69 -28.65
CA ALA D 224 8.26 -12.63 -29.19
C ALA D 224 7.69 -14.05 -29.24
N VAL D 225 7.00 -14.45 -28.18
CA VAL D 225 6.44 -15.79 -28.08
C VAL D 225 5.35 -16.09 -29.11
N LYS D 226 4.41 -15.16 -29.27
CA LYS D 226 3.34 -15.34 -30.23
C LYS D 226 3.92 -15.52 -31.63
N LEU D 227 4.86 -14.64 -32.01
CA LEU D 227 5.50 -14.72 -33.31
C LEU D 227 6.23 -16.06 -33.47
N LEU D 228 7.17 -16.34 -32.57
CA LEU D 228 7.92 -17.59 -32.60
C LEU D 228 7.00 -18.79 -32.77
N LYS D 229 5.86 -18.78 -32.07
CA LYS D 229 4.92 -19.87 -32.20
C LYS D 229 4.43 -19.97 -33.63
N GLU D 230 4.21 -18.80 -34.24
CA GLU D 230 3.76 -18.73 -35.61
C GLU D 230 4.79 -19.20 -36.61
N GLN D 231 6.07 -19.04 -36.24
CA GLN D 231 7.17 -19.47 -37.07
C GLN D 231 7.43 -20.96 -36.82
N GLY D 232 6.46 -21.61 -36.18
CA GLY D 232 6.57 -23.02 -35.88
C GLY D 232 7.54 -23.40 -34.77
N ALA D 233 7.65 -22.58 -33.75
CA ALA D 233 8.55 -22.88 -32.64
C ALA D 233 7.89 -23.98 -31.84
N LYS D 234 8.68 -24.84 -31.23
CA LYS D 234 8.10 -25.91 -30.43
C LYS D 234 8.00 -25.49 -28.95
N LYS D 235 8.74 -26.15 -28.07
CA LYS D 235 8.70 -25.82 -26.65
C LYS D 235 9.48 -24.52 -26.38
N ILE D 236 8.81 -23.53 -25.79
CA ILE D 236 9.44 -22.24 -25.49
C ILE D 236 9.50 -21.96 -24.00
N ILE D 237 10.70 -21.67 -23.51
CA ILE D 237 10.89 -21.32 -22.11
C ILE D 237 11.45 -19.91 -22.03
N ALA D 238 10.81 -19.08 -21.20
CA ALA D 238 11.24 -17.71 -21.03
C ALA D 238 11.86 -17.53 -19.64
N ALA D 239 13.10 -17.05 -19.62
CA ALA D 239 13.79 -16.83 -18.36
C ALA D 239 14.28 -15.39 -18.25
N CYS D 240 14.33 -14.90 -17.02
CA CYS D 240 14.79 -13.55 -16.74
C CYS D 240 15.44 -13.57 -15.37
N VAL D 241 16.32 -12.61 -15.11
CA VAL D 241 16.96 -12.57 -13.81
C VAL D 241 16.01 -11.93 -12.79
N HIS D 242 15.44 -10.80 -13.17
CA HIS D 242 14.53 -10.08 -12.29
C HIS D 242 13.09 -10.23 -12.75
N PRO D 243 12.37 -11.21 -12.18
CA PRO D 243 10.98 -11.46 -12.53
C PRO D 243 10.00 -10.46 -11.92
N VAL D 244 10.08 -9.22 -12.37
CA VAL D 244 9.21 -8.17 -11.87
C VAL D 244 7.75 -8.51 -12.13
N LEU D 245 7.50 -9.09 -13.31
CA LEU D 245 6.17 -9.55 -13.72
C LEU D 245 5.00 -8.79 -13.12
N ILE D 246 4.80 -7.57 -13.60
CA ILE D 246 3.74 -6.70 -13.13
C ILE D 246 2.37 -7.11 -13.61
N GLY D 247 1.38 -6.96 -12.73
CA GLY D 247 0.03 -7.26 -13.09
C GLY D 247 -0.25 -8.64 -13.65
N ASP D 248 -0.80 -8.68 -14.85
CA ASP D 248 -1.15 -9.94 -15.49
C ASP D 248 -0.07 -10.45 -16.44
N ALA D 249 1.15 -9.97 -16.23
CA ALA D 249 2.28 -10.35 -17.06
C ALA D 249 2.38 -11.86 -17.29
N LEU D 250 2.33 -12.65 -16.22
CA LEU D 250 2.43 -14.11 -16.35
C LEU D 250 1.33 -14.72 -17.20
N ASN D 251 0.09 -14.28 -17.00
CA ASN D 251 -1.02 -14.82 -17.77
C ASN D 251 -0.83 -14.48 -19.26
N LYS D 252 -0.26 -13.31 -19.50
CA LYS D 252 -0.02 -12.81 -20.85
C LYS D 252 0.94 -13.76 -21.55
N LEU D 253 2.03 -14.11 -20.89
CA LEU D 253 3.04 -15.01 -21.44
C LEU D 253 2.52 -16.43 -21.65
N TYR D 254 1.82 -16.95 -20.65
CA TYR D 254 1.26 -18.30 -20.71
C TYR D 254 0.27 -18.43 -21.87
N SER D 255 -0.52 -17.39 -22.09
CA SER D 255 -1.50 -17.41 -23.16
C SER D 255 -0.80 -17.34 -24.52
N ALA D 256 0.27 -16.56 -24.60
CA ALA D 256 1.03 -16.44 -25.83
C ALA D 256 1.55 -17.83 -26.18
N GLY D 257 1.58 -18.71 -25.16
CA GLY D 257 2.02 -20.07 -25.37
C GLY D 257 3.35 -20.52 -24.79
N VAL D 258 3.93 -19.82 -23.82
CA VAL D 258 5.22 -20.29 -23.29
C VAL D 258 5.02 -21.57 -22.48
N GLU D 259 6.03 -22.43 -22.52
CA GLU D 259 6.00 -23.70 -21.80
C GLU D 259 6.23 -23.45 -20.31
N GLU D 260 7.03 -22.43 -20.03
CA GLU D 260 7.33 -22.07 -18.65
C GLU D 260 8.11 -20.75 -18.57
N VAL D 261 7.89 -20.05 -17.45
CA VAL D 261 8.57 -18.80 -17.18
C VAL D 261 9.35 -19.05 -15.89
N VAL D 262 10.62 -18.67 -15.87
CA VAL D 262 11.43 -18.88 -14.69
C VAL D 262 12.28 -17.66 -14.40
N GLY D 263 12.39 -17.34 -13.12
CA GLY D 263 13.18 -16.18 -12.70
C GLY D 263 14.05 -16.57 -11.52
N THR D 264 14.77 -15.59 -10.95
CA THR D 264 15.62 -15.87 -9.79
C THR D 264 15.00 -15.24 -8.54
N ASP D 265 15.68 -15.40 -7.41
CA ASP D 265 15.19 -14.86 -6.16
C ASP D 265 15.75 -13.47 -5.82
N THR D 266 16.06 -12.67 -6.84
CA THR D 266 16.55 -11.31 -6.60
C THR D 266 15.30 -10.46 -6.39
N TYR D 267 14.20 -10.90 -6.98
CA TYR D 267 12.92 -10.20 -6.91
C TYR D 267 11.84 -11.26 -6.76
N LEU D 268 11.11 -11.22 -5.65
CA LEU D 268 10.07 -12.20 -5.39
C LEU D 268 8.90 -12.25 -6.38
N SER D 269 8.71 -13.43 -6.96
CA SER D 269 7.62 -13.67 -7.89
C SER D 269 7.14 -15.11 -7.73
N GLU D 270 6.05 -15.45 -8.40
CA GLU D 270 5.52 -16.81 -8.33
C GLU D 270 6.42 -17.79 -9.06
N VAL D 271 7.45 -17.29 -9.74
CA VAL D 271 8.36 -18.16 -10.48
C VAL D 271 9.84 -17.95 -10.13
N SER D 272 10.13 -17.41 -8.96
CA SER D 272 11.51 -17.21 -8.52
C SER D 272 12.09 -18.56 -8.09
N LYS D 273 12.34 -19.42 -9.08
CA LYS D 273 12.87 -20.77 -8.85
C LYS D 273 14.38 -20.89 -8.68
N VAL D 274 15.15 -20.10 -9.41
CA VAL D 274 16.59 -20.16 -9.35
C VAL D 274 17.16 -19.20 -8.31
N SER D 275 18.13 -19.67 -7.54
CA SER D 275 18.76 -18.84 -6.51
C SER D 275 20.07 -18.20 -6.99
N VAL D 276 20.36 -17.01 -6.45
CA VAL D 276 21.58 -16.30 -6.80
C VAL D 276 22.56 -16.33 -5.62
N ALA D 277 22.24 -17.15 -4.63
CA ALA D 277 23.07 -17.28 -3.44
C ALA D 277 24.54 -17.56 -3.77
N GLU D 278 24.78 -18.60 -4.58
CA GLU D 278 26.13 -18.97 -4.98
C GLU D 278 26.80 -17.84 -5.73
N VAL D 279 26.05 -17.18 -6.61
CA VAL D 279 26.57 -16.07 -7.39
C VAL D 279 27.05 -14.95 -6.47
N ILE D 280 26.29 -14.69 -5.42
CA ILE D 280 26.63 -13.67 -4.44
C ILE D 280 27.85 -14.09 -3.63
N VAL D 281 27.86 -15.33 -3.17
CA VAL D 281 28.96 -15.85 -2.38
C VAL D 281 30.31 -15.69 -3.09
N ASP D 282 30.32 -15.84 -4.42
CA ASP D 282 31.56 -15.71 -5.18
C ASP D 282 32.06 -14.28 -5.29
N LEU D 283 31.18 -13.31 -5.11
CA LEU D 283 31.56 -11.91 -5.22
C LEU D 283 32.00 -11.36 -3.86
N LEU D 284 31.86 -12.18 -2.83
CA LEU D 284 32.22 -11.74 -1.47
C LEU D 284 33.69 -12.00 -1.18
#